data_6LA7
#
_entry.id   6LA7
#
_cell.length_a   1.00
_cell.length_b   1.00
_cell.length_c   1.00
_cell.angle_alpha   90.00
_cell.angle_beta   90.00
_cell.angle_gamma   90.00
#
_symmetry.space_group_name_H-M   'P 1'
#
loop_
_entity.id
_entity.type
_entity.pdbx_description
1 polymer 'Capsid protein VP1'
2 polymer 'Capsid protein VP2'
3 polymer 'Capsid protein VP3'
4 polymer 'Capsid protein VP4'
5 polymer 'IgG receptor FcRn large subunit p51'
6 polymer Beta-2-microglobulin
#
loop_
_entity_poly.entity_id
_entity_poly.type
_entity_poly.pdbx_seq_one_letter_code
_entity_poly.pdbx_strand_id
1 'polypeptide(L)'
;VVEAVENAVARVADTISSGPSNSQAVPALTAVETGHTSQVTPSDTIQTRHVRNYHSRSESSIENFLCRSACVYMGEYHTT
NTDTSKLFASWTINARRMVQMRRKLELFTYVRFDMEVTFVITSKQDQGTQLGQDMPPLTHQIMYIPPGGPIPKSVTDYTW
QTSTNPSIFWTEGNAPPRMSIPFISIGNAYSNFYDGWSHFSQNGVYGYNTLNHMGQIYVRHVNGSSPLPMTSTVRMYFKP
KHVKVWVPRPPRLCQYKNASTVNFTPTNITEKRQSINYIPETVKP
;
A
2 'polypeptide(L)'
;DRVRSITLGNSTITTQESANVVVAYGRWPEYLKDNEATAEDQPTQPDVATCRFYTLESVTWERDSPGWWWKFPDALKDMG
LFGQNMYYHYLGRAGYTIHVQCNASKFHQGCLMVVCVPEAEMGCSQVDGTVNEHSLSEGETAKKFASTSTNGTNTVQSIV
TNAGMGVGVGNLTIFPHQWINLRTNNCATIVMPYINNVPMDNMFRHHNFTLMIIPFVPLDYSSDSSTYVPITVTVAPMCA
EYNGLRLATSL
;
B
3 'polypeptide(L)'
;GLPVMNTPGSNQFLTSDDFQSPSAMPQFDVTPELNIPGEVQNLMEIAEVDSVVPVNNVEGKLDTMEIYRIPVQSGNHQSS
QVFGFQVQPGLDNVFKHTLLGEILNYYAHWSGSIKLTFVFCGSAMATGKFLLAYAPPGANAPKSRKDAMLGTHIIWDVGL
QSSCVLCIPWISQTHYRLVQQDEYTSAGNVTCWYQTGIVVPAGTPTSCSIMCFVSACNDFSVRLLKDTPFIEQSALLQ
;
C
4 'polypeptide(L)' MGAQVSTQKTGAHETGLNAASGRSIIHYTNINYYKDAASNSANRQDFSQDPGKFTEPVKDIMVKSLPALN D
5 'polypeptide(L)'
;LSLLYHLTAVSSPAPGTPAFWVSGWLGPQQYLSYNSLRGEAEPCGAWVWENQVSWYWEKETTDLRIKEKLFLEAFKALGG
KGPYTLQGLLGCELGPDNTSVPTAKFALNGEEFMNFDLKQGTWGGDWPEALAISQRWQQQDKAANKELTFLLFSCPHRLR
EHLERGRGNLEWKEPPSMRLKARPSSPGFSVLTCSAFSFYPPELQLRFLRNGLAAGTGQGDFGPNSDGSFHASSSLTVKS
GDEHHYCCIVQHAGLAQPLRVEL
;
E
6 'polypeptide(L)'
;IQRTPKIQVYSRHPAENGKSNFLNCYVSGFHPSDIEVDLLKNGERIEKVEHSDLSFSKDWSFYLLYYTEFTPTEKDEYAC
RVNHVTLSQPKIVKWDRDM
;
F
#
# COMPACT_ATOMS: atom_id res chain seq x y z
N VAL A 1 21.41 -49.51 3.87
CA VAL A 1 19.97 -49.45 3.83
C VAL A 1 19.49 -48.58 2.69
N VAL A 2 18.34 -48.94 2.13
CA VAL A 2 17.69 -48.17 1.07
C VAL A 2 16.19 -48.33 1.21
N GLU A 3 15.49 -47.22 1.09
CA GLU A 3 14.04 -47.20 1.21
C GLU A 3 13.41 -46.88 -0.13
N ALA A 4 12.36 -47.62 -0.48
CA ALA A 4 11.61 -47.38 -1.70
C ALA A 4 10.51 -46.37 -1.41
N VAL A 5 10.41 -45.35 -2.26
CA VAL A 5 9.40 -44.32 -2.15
C VAL A 5 8.41 -44.50 -3.27
N GLU A 6 7.14 -44.61 -2.93
CA GLU A 6 6.07 -44.80 -3.91
C GLU A 6 5.24 -43.53 -4.04
N ASN A 7 5.21 -43.00 -5.26
CA ASN A 7 4.50 -41.77 -5.57
C ASN A 7 3.41 -42.05 -6.60
N ALA A 8 2.20 -41.56 -6.34
CA ALA A 8 1.04 -41.92 -7.14
C ALA A 8 0.90 -40.95 -8.32
N VAL A 9 0.65 -41.50 -9.49
CA VAL A 9 0.37 -40.71 -10.68
C VAL A 9 -1.10 -40.30 -10.67
N ALA A 10 -1.36 -39.03 -10.90
CA ALA A 10 -2.71 -38.48 -10.82
C ALA A 10 -3.15 -38.01 -12.20
N ARG A 11 -3.97 -38.81 -12.87
CA ARG A 11 -4.43 -38.49 -14.21
C ARG A 11 -5.91 -38.12 -14.22
N VAL A 12 -6.30 -37.43 -15.27
CA VAL A 12 -7.64 -36.87 -15.43
C VAL A 12 -8.66 -37.98 -15.65
N ALA A 13 -9.93 -37.63 -15.60
CA ALA A 13 -11.00 -38.60 -15.69
C ALA A 13 -11.22 -39.09 -17.11
N ASP A 14 -11.63 -40.35 -17.23
CA ASP A 14 -11.98 -40.92 -18.52
C ASP A 14 -13.35 -40.44 -18.97
N THR A 15 -13.76 -40.86 -20.16
CA THR A 15 -15.06 -40.53 -20.72
C THR A 15 -15.82 -41.82 -20.96
N ILE A 16 -17.03 -41.89 -20.44
CA ILE A 16 -17.85 -43.08 -20.60
C ILE A 16 -18.77 -42.92 -21.81
N SER A 17 -19.24 -44.04 -22.33
CA SER A 17 -20.13 -44.01 -23.47
C SER A 17 -21.57 -43.80 -23.02
N SER A 18 -22.36 -43.21 -23.90
CA SER A 18 -23.71 -42.77 -23.55
C SER A 18 -24.59 -42.84 -24.78
N GLY A 19 -25.83 -43.30 -24.60
CA GLY A 19 -26.77 -43.42 -25.68
C GLY A 19 -27.87 -42.38 -25.60
N PRO A 20 -28.96 -42.61 -26.32
CA PRO A 20 -30.09 -41.67 -26.28
C PRO A 20 -30.81 -41.71 -24.94
N SER A 21 -31.66 -40.72 -24.73
CA SER A 21 -32.36 -40.60 -23.46
C SER A 21 -33.68 -39.87 -23.66
N ASN A 22 -34.65 -40.21 -22.82
CA ASN A 22 -35.94 -39.51 -22.77
C ASN A 22 -36.51 -39.78 -21.39
N SER A 23 -36.41 -38.80 -20.50
CA SER A 23 -36.78 -39.03 -19.10
C SER A 23 -36.96 -37.70 -18.39
N GLN A 24 -37.14 -37.78 -17.08
CA GLN A 24 -37.35 -36.61 -16.24
C GLN A 24 -36.10 -36.17 -15.52
N ALA A 25 -34.94 -36.75 -15.83
CA ALA A 25 -33.68 -36.23 -15.33
C ALA A 25 -33.23 -35.07 -16.19
N VAL A 26 -32.67 -34.05 -15.55
CA VAL A 26 -32.27 -32.83 -16.26
C VAL A 26 -30.92 -32.33 -15.76
N PRO A 27 -29.81 -32.90 -16.23
CA PRO A 27 -28.51 -32.42 -15.79
C PRO A 27 -28.18 -31.01 -16.27
N ALA A 28 -28.76 -30.57 -17.38
CA ALA A 28 -28.39 -29.28 -17.96
C ALA A 28 -29.11 -28.10 -17.32
N LEU A 29 -30.15 -28.34 -16.53
CA LEU A 29 -30.85 -27.28 -15.85
C LEU A 29 -30.34 -27.13 -14.43
N THR A 30 -30.14 -25.89 -14.00
CA THR A 30 -29.54 -25.62 -12.70
C THR A 30 -29.86 -24.19 -12.31
N ALA A 31 -29.29 -23.75 -11.19
CA ALA A 31 -29.49 -22.39 -10.69
C ALA A 31 -28.18 -21.89 -10.11
N VAL A 32 -27.59 -20.89 -10.76
CA VAL A 32 -26.31 -20.35 -10.28
C VAL A 32 -26.45 -19.47 -9.06
N GLU A 33 -27.66 -19.21 -8.59
CA GLU A 33 -27.85 -18.38 -7.41
C GLU A 33 -27.28 -19.03 -6.16
N THR A 34 -27.16 -20.35 -6.12
CA THR A 34 -26.74 -21.03 -4.92
C THR A 34 -25.24 -20.90 -4.67
N GLY A 35 -24.49 -20.27 -5.57
CA GLY A 35 -23.05 -20.28 -5.50
C GLY A 35 -22.40 -21.56 -5.98
N HIS A 36 -23.20 -22.56 -6.33
CA HIS A 36 -22.70 -23.83 -6.81
C HIS A 36 -22.22 -23.70 -8.25
N THR A 37 -21.17 -24.44 -8.58
CA THR A 37 -20.69 -24.55 -9.95
C THR A 37 -21.05 -25.93 -10.47
N SER A 38 -21.67 -25.95 -11.65
CA SER A 38 -22.29 -27.18 -12.16
C SER A 38 -21.25 -28.25 -12.46
N GLN A 39 -21.54 -29.47 -12.07
CA GLN A 39 -20.65 -30.60 -12.27
C GLN A 39 -21.07 -31.46 -13.46
N VAL A 40 -21.21 -30.89 -14.64
CA VAL A 40 -21.76 -31.61 -15.79
C VAL A 40 -20.63 -31.94 -16.75
N THR A 41 -20.60 -33.18 -17.22
CA THR A 41 -19.65 -33.65 -18.20
C THR A 41 -20.31 -33.75 -19.56
N PRO A 42 -19.53 -33.85 -20.63
CA PRO A 42 -20.14 -33.95 -21.97
C PRO A 42 -21.03 -35.15 -22.14
N SER A 43 -20.76 -36.26 -21.44
CA SER A 43 -21.56 -37.46 -21.62
C SER A 43 -22.95 -37.33 -21.04
N ASP A 44 -23.32 -36.15 -20.55
CA ASP A 44 -24.67 -35.92 -20.08
C ASP A 44 -25.54 -35.22 -21.11
N THR A 45 -24.95 -34.51 -22.05
CA THR A 45 -25.73 -33.74 -23.02
C THR A 45 -25.66 -34.27 -24.44
N ILE A 46 -24.72 -35.14 -24.76
CA ILE A 46 -24.61 -35.68 -26.12
C ILE A 46 -24.34 -37.17 -26.04
N GLN A 47 -24.28 -37.82 -27.19
CA GLN A 47 -23.86 -39.21 -27.27
C GLN A 47 -22.34 -39.26 -27.43
N THR A 48 -21.69 -40.03 -26.56
CA THR A 48 -20.24 -40.07 -26.52
C THR A 48 -19.75 -41.50 -26.68
N ARG A 49 -18.45 -41.62 -26.95
CA ARG A 49 -17.79 -42.91 -26.97
C ARG A 49 -16.93 -43.05 -25.73
N HIS A 50 -16.30 -44.21 -25.57
CA HIS A 50 -15.41 -44.46 -24.46
C HIS A 50 -14.01 -44.00 -24.83
N VAL A 51 -13.36 -43.30 -23.90
CA VAL A 51 -12.02 -42.75 -24.11
C VAL A 51 -11.18 -43.06 -22.89
N ARG A 52 -10.02 -43.68 -23.10
CA ARG A 52 -9.03 -43.84 -22.05
C ARG A 52 -8.08 -42.66 -22.10
N ASN A 53 -8.19 -41.75 -21.13
CA ASN A 53 -7.40 -40.54 -21.10
C ASN A 53 -6.14 -40.76 -20.27
N TYR A 54 -4.99 -40.38 -20.83
CA TYR A 54 -3.71 -40.55 -20.16
C TYR A 54 -3.07 -39.23 -19.76
N HIS A 55 -3.78 -38.11 -19.85
CA HIS A 55 -3.20 -36.83 -19.52
C HIS A 55 -3.06 -36.68 -18.02
N SER A 56 -2.13 -35.82 -17.61
CA SER A 56 -1.76 -35.67 -16.22
C SER A 56 -1.68 -34.20 -15.84
N ARG A 57 -2.16 -33.89 -14.63
CA ARG A 57 -2.14 -32.53 -14.10
C ARG A 57 -0.91 -32.27 -13.24
N SER A 58 0.28 -32.55 -13.73
CA SER A 58 1.45 -32.50 -12.87
C SER A 58 2.19 -31.17 -12.98
N GLU A 59 2.01 -30.45 -14.08
CA GLU A 59 2.69 -29.18 -14.25
C GLU A 59 1.92 -28.01 -13.68
N SER A 60 0.72 -28.24 -13.17
CA SER A 60 -0.09 -27.18 -12.57
C SER A 60 -0.11 -27.27 -11.06
N SER A 61 0.67 -28.17 -10.47
CA SER A 61 0.87 -28.14 -9.03
C SER A 61 1.49 -26.81 -8.60
N ILE A 62 1.32 -26.50 -7.32
CA ILE A 62 1.88 -25.24 -6.82
C ILE A 62 3.39 -25.32 -6.80
N GLU A 63 3.94 -26.49 -6.49
CA GLU A 63 5.39 -26.65 -6.47
C GLU A 63 6.00 -26.45 -7.84
N ASN A 64 5.36 -26.98 -8.88
CA ASN A 64 5.88 -26.78 -10.23
C ASN A 64 5.56 -25.41 -10.79
N PHE A 65 4.53 -24.75 -10.27
CA PHE A 65 4.14 -23.46 -10.80
C PHE A 65 4.98 -22.33 -10.21
N LEU A 66 5.44 -22.47 -8.96
CA LEU A 66 6.14 -21.38 -8.31
C LEU A 66 7.66 -21.55 -8.24
N CYS A 67 8.18 -22.74 -8.53
CA CYS A 67 9.58 -23.04 -8.22
C CYS A 67 10.49 -22.76 -9.44
N ARG A 68 10.71 -21.47 -9.69
CA ARG A 68 11.60 -21.01 -10.74
C ARG A 68 12.29 -19.74 -10.26
N SER A 69 13.55 -19.55 -10.62
CA SER A 69 14.28 -18.38 -10.17
C SER A 69 13.90 -17.14 -10.98
N ALA A 70 13.90 -16.00 -10.31
CA ALA A 70 13.49 -14.76 -10.94
C ALA A 70 14.22 -13.60 -10.27
N CYS A 71 14.57 -12.60 -11.06
CA CYS A 71 15.26 -11.41 -10.56
C CYS A 71 14.34 -10.62 -9.65
N VAL A 72 14.89 -10.12 -8.54
CA VAL A 72 14.08 -9.35 -7.59
C VAL A 72 14.78 -8.06 -7.19
N TYR A 73 16.03 -7.87 -7.62
CA TYR A 73 16.72 -6.62 -7.36
C TYR A 73 17.93 -6.50 -8.28
N MET A 74 18.31 -5.26 -8.58
CA MET A 74 19.50 -4.94 -9.36
C MET A 74 20.13 -3.68 -8.80
N GLY A 75 21.44 -3.73 -8.56
CA GLY A 75 22.10 -2.58 -7.95
C GLY A 75 23.52 -2.38 -8.42
N GLU A 76 23.96 -1.13 -8.34
CA GLU A 76 25.29 -0.73 -8.79
C GLU A 76 26.12 -0.18 -7.63
N TYR A 77 27.44 -0.28 -7.77
CA TYR A 77 28.36 0.29 -6.78
C TYR A 77 29.76 0.36 -7.37
N HIS A 78 30.55 1.31 -6.88
CA HIS A 78 31.87 1.61 -7.42
C HIS A 78 32.98 1.14 -6.50
N THR A 79 34.21 1.19 -7.01
CA THR A 79 35.37 0.93 -6.18
C THR A 79 35.91 2.20 -5.53
N THR A 80 35.88 3.32 -6.24
CA THR A 80 36.23 4.59 -5.65
C THR A 80 35.42 5.69 -6.31
N ASN A 81 35.14 6.73 -5.53
CA ASN A 81 34.27 7.81 -5.98
C ASN A 81 34.43 8.97 -5.01
N THR A 82 33.79 10.09 -5.32
CA THR A 82 33.79 11.26 -4.44
C THR A 82 32.43 11.47 -3.77
N ASP A 83 31.73 10.38 -3.45
CA ASP A 83 30.41 10.46 -2.85
C ASP A 83 30.30 9.71 -1.54
N THR A 84 31.00 8.59 -1.41
CA THR A 84 31.13 7.77 -0.22
C THR A 84 29.85 6.99 0.07
N SER A 85 28.75 7.30 -0.61
CA SER A 85 27.53 6.50 -0.51
C SER A 85 27.35 5.59 -1.71
N LYS A 86 28.00 5.87 -2.82
CA LYS A 86 27.99 5.03 -4.00
C LYS A 86 29.07 3.96 -3.96
N LEU A 87 29.73 3.77 -2.83
CA LEU A 87 30.77 2.77 -2.73
C LEU A 87 30.27 1.39 -2.36
N PHE A 88 28.99 1.26 -2.00
CA PHE A 88 28.42 -0.04 -1.69
C PHE A 88 26.96 -0.04 -2.07
N ALA A 89 26.36 -1.22 -2.10
CA ALA A 89 24.95 -1.37 -2.42
C ALA A 89 24.20 -1.91 -1.23
N SER A 90 22.95 -1.49 -1.07
CA SER A 90 22.19 -1.81 0.13
C SER A 90 20.71 -1.83 -0.22
N TRP A 91 19.97 -2.79 0.34
CA TRP A 91 18.53 -2.79 0.15
C TRP A 91 17.84 -3.71 1.15
N THR A 92 16.51 -3.64 1.14
CA THR A 92 15.64 -4.44 1.99
C THR A 92 14.99 -5.56 1.17
N ILE A 93 14.78 -6.71 1.81
CA ILE A 93 14.38 -7.92 1.10
C ILE A 93 12.86 -7.97 0.99
N ASN A 94 12.37 -8.05 -0.25
CA ASN A 94 10.97 -8.32 -0.54
C ASN A 94 10.85 -8.65 -2.03
N ALA A 95 9.79 -9.36 -2.38
CA ALA A 95 9.51 -9.70 -3.76
C ALA A 95 8.43 -8.78 -4.34
N ARG A 96 8.72 -7.49 -4.41
CA ARG A 96 7.70 -6.54 -4.85
C ARG A 96 8.23 -5.45 -5.77
N ARG A 97 9.47 -5.56 -6.25
CA ARG A 97 10.00 -4.57 -7.17
C ARG A 97 10.01 -5.03 -8.61
N MET A 98 10.09 -6.34 -8.86
CA MET A 98 10.00 -6.91 -10.19
C MET A 98 8.60 -7.50 -10.33
N VAL A 99 7.83 -7.00 -11.30
CA VAL A 99 6.39 -7.24 -11.33
C VAL A 99 6.00 -8.66 -11.70
N GLN A 100 6.83 -9.38 -12.46
CA GLN A 100 6.41 -10.68 -12.95
C GLN A 100 6.27 -11.71 -11.84
N MET A 101 7.13 -11.65 -10.82
CA MET A 101 6.95 -12.56 -9.70
C MET A 101 5.97 -12.02 -8.68
N ARG A 102 5.84 -10.70 -8.58
CA ARG A 102 4.83 -10.13 -7.70
C ARG A 102 3.43 -10.59 -8.11
N ARG A 103 3.11 -10.45 -9.40
CA ARG A 103 1.80 -10.87 -9.87
C ARG A 103 1.57 -12.35 -9.65
N LYS A 104 2.62 -13.15 -9.77
CA LYS A 104 2.46 -14.59 -9.63
C LYS A 104 2.27 -14.99 -8.17
N LEU A 105 2.99 -14.34 -7.27
CA LEU A 105 2.81 -14.65 -5.85
C LEU A 105 1.47 -14.16 -5.34
N GLU A 106 0.98 -13.04 -5.85
CA GLU A 106 -0.24 -12.43 -5.34
C GLU A 106 -1.51 -13.12 -5.83
N LEU A 107 -1.42 -14.33 -6.38
CA LEU A 107 -2.63 -15.10 -6.65
C LEU A 107 -3.20 -15.73 -5.40
N PHE A 108 -2.49 -15.68 -4.28
CA PHE A 108 -2.92 -16.31 -3.04
C PHE A 108 -2.75 -15.31 -1.91
N THR A 109 -3.57 -15.48 -0.87
CA THR A 109 -3.53 -14.55 0.24
C THR A 109 -2.43 -14.89 1.22
N TYR A 110 -2.24 -16.17 1.52
CA TYR A 110 -1.22 -16.57 2.47
C TYR A 110 -0.29 -17.60 1.84
N VAL A 111 1.01 -17.44 2.07
CA VAL A 111 2.02 -18.36 1.54
C VAL A 111 2.99 -18.74 2.65
N ARG A 112 3.68 -19.86 2.44
CA ARG A 112 4.67 -20.33 3.39
C ARG A 112 5.66 -21.20 2.65
N PHE A 113 6.94 -20.87 2.70
CA PHE A 113 7.96 -21.59 1.93
C PHE A 113 9.36 -21.29 2.44
N ASP A 114 10.27 -22.21 2.16
CA ASP A 114 11.71 -21.95 2.25
C ASP A 114 12.18 -21.28 0.97
N MET A 115 13.33 -20.64 1.02
CA MET A 115 13.81 -19.86 -0.10
C MET A 115 15.22 -20.27 -0.49
N GLU A 116 15.57 -20.04 -1.75
CA GLU A 116 16.91 -20.29 -2.26
C GLU A 116 17.34 -19.07 -3.05
N VAL A 117 18.53 -18.56 -2.76
CA VAL A 117 18.99 -17.28 -3.29
C VAL A 117 20.25 -17.50 -4.10
N THR A 118 20.32 -16.85 -5.26
CA THR A 118 21.49 -16.88 -6.13
C THR A 118 21.83 -15.46 -6.55
N PHE A 119 23.13 -15.16 -6.66
CA PHE A 119 23.57 -13.84 -7.06
C PHE A 119 24.33 -13.92 -8.37
N VAL A 120 24.26 -12.85 -9.15
CA VAL A 120 25.00 -12.70 -10.40
C VAL A 120 25.64 -11.33 -10.39
N ILE A 121 26.96 -11.30 -10.40
CA ILE A 121 27.73 -10.07 -10.25
C ILE A 121 28.59 -9.88 -11.50
N THR A 122 28.58 -8.66 -12.05
CA THR A 122 29.43 -8.33 -13.17
C THR A 122 30.14 -7.02 -12.89
N SER A 123 31.23 -6.78 -13.62
CA SER A 123 32.03 -5.58 -13.43
C SER A 123 32.38 -5.00 -14.79
N LYS A 124 32.80 -3.73 -14.77
CA LYS A 124 33.29 -3.08 -15.96
C LYS A 124 34.19 -1.93 -15.53
N GLN A 125 34.96 -1.43 -16.47
CA GLN A 125 35.92 -0.36 -16.19
C GLN A 125 35.35 0.96 -16.67
N ASP A 126 35.33 1.95 -15.77
CA ASP A 126 34.81 3.26 -16.11
C ASP A 126 35.60 3.87 -17.25
N GLN A 127 34.91 4.34 -18.27
CA GLN A 127 35.58 4.93 -19.41
C GLN A 127 36.21 6.26 -19.02
N GLY A 128 37.53 6.34 -19.18
CA GLY A 128 38.27 7.52 -18.76
C GLY A 128 39.18 8.00 -19.86
N THR A 129 40.05 8.94 -19.47
CA THR A 129 40.95 9.58 -20.43
C THR A 129 42.01 8.62 -20.99
N GLN A 130 42.35 7.55 -20.27
CA GLN A 130 43.42 6.66 -20.71
C GLN A 130 43.22 5.27 -20.10
N LEU A 131 43.42 4.24 -20.91
CA LEU A 131 43.27 2.85 -20.50
C LEU A 131 44.65 2.22 -20.30
N GLY A 132 44.66 0.91 -20.07
CA GLY A 132 45.90 0.16 -20.04
C GLY A 132 46.41 -0.14 -18.65
N GLN A 133 46.16 -1.36 -18.17
CA GLN A 133 46.50 -1.73 -16.81
C GLN A 133 46.47 -3.26 -16.75
N ASP A 134 46.82 -3.80 -15.58
CA ASP A 134 46.79 -5.25 -15.35
C ASP A 134 46.23 -5.46 -13.94
N MET A 135 45.03 -6.00 -13.87
CA MET A 135 44.35 -6.03 -12.59
C MET A 135 43.99 -7.46 -12.21
N PRO A 136 44.25 -7.84 -10.96
CA PRO A 136 43.88 -9.19 -10.51
C PRO A 136 42.38 -9.33 -10.44
N PRO A 137 41.88 -10.56 -10.28
CA PRO A 137 40.43 -10.74 -10.16
C PRO A 137 39.89 -10.09 -8.90
N LEU A 138 38.63 -9.64 -8.98
CA LEU A 138 38.01 -8.90 -7.91
C LEU A 138 37.33 -9.84 -6.93
N THR A 139 37.14 -9.36 -5.71
CA THR A 139 36.44 -10.10 -4.67
C THR A 139 35.33 -9.24 -4.09
N HIS A 140 34.20 -9.87 -3.79
CA HIS A 140 33.02 -9.17 -3.31
C HIS A 140 32.55 -9.82 -2.03
N GLN A 141 32.02 -8.99 -1.13
CA GLN A 141 31.42 -9.46 0.11
C GLN A 141 29.94 -9.11 0.13
N ILE A 142 29.13 -10.09 0.53
CA ILE A 142 27.68 -9.96 0.65
C ILE A 142 27.31 -10.29 2.08
N MET A 143 26.73 -9.31 2.78
CA MET A 143 26.36 -9.46 4.19
C MET A 143 24.85 -9.35 4.34
N TYR A 144 24.27 -10.30 5.07
CA TYR A 144 22.86 -10.28 5.40
C TYR A 144 22.68 -9.83 6.85
N ILE A 145 21.90 -8.78 7.06
CA ILE A 145 21.71 -8.20 8.38
C ILE A 145 20.27 -8.46 8.82
N PRO A 146 20.06 -9.20 9.92
CA PRO A 146 18.69 -9.42 10.38
C PRO A 146 18.12 -8.15 10.96
N PRO A 147 16.80 -8.09 11.16
CA PRO A 147 16.18 -6.84 11.63
C PRO A 147 16.64 -6.48 13.04
N GLY A 148 17.26 -5.33 13.18
CA GLY A 148 17.71 -4.82 14.45
C GLY A 148 19.21 -4.80 14.62
N GLY A 149 19.97 -5.17 13.60
CA GLY A 149 21.41 -5.20 13.70
C GLY A 149 22.03 -3.88 13.33
N PRO A 150 23.29 -3.71 13.71
CA PRO A 150 24.00 -2.48 13.40
C PRO A 150 24.27 -2.34 11.91
N ILE A 151 24.30 -1.09 11.45
CA ILE A 151 24.36 -0.78 10.03
C ILE A 151 25.73 -0.22 9.67
N PRO A 152 26.38 -0.72 8.62
CA PRO A 152 27.65 -0.12 8.20
C PRO A 152 27.46 1.30 7.73
N LYS A 153 28.38 2.17 8.13
CA LYS A 153 28.32 3.57 7.73
C LYS A 153 29.17 3.86 6.51
N SER A 154 30.08 2.97 6.15
CA SER A 154 30.96 3.15 5.01
C SER A 154 31.55 1.80 4.65
N VAL A 155 32.53 1.80 3.74
CA VAL A 155 33.17 0.56 3.33
C VAL A 155 34.31 0.15 4.24
N THR A 156 34.82 1.05 5.07
CA THR A 156 35.91 0.75 5.99
C THR A 156 35.42 0.61 7.42
N ASP A 157 34.11 0.62 7.63
CA ASP A 157 33.55 0.50 8.96
C ASP A 157 33.91 -0.85 9.58
N TYR A 158 33.95 -0.87 10.91
CA TYR A 158 34.21 -2.11 11.62
C TYR A 158 33.11 -3.14 11.42
N THR A 159 31.89 -2.71 11.14
CA THR A 159 30.75 -3.61 11.13
C THR A 159 30.96 -4.80 10.20
N TRP A 160 31.78 -4.65 9.18
CA TRP A 160 32.02 -5.74 8.25
C TRP A 160 32.79 -6.91 8.86
N GLN A 161 33.10 -6.95 10.16
CA GLN A 161 33.69 -8.13 10.78
C GLN A 161 32.84 -9.37 10.61
N THR A 162 31.54 -9.20 10.37
CA THR A 162 30.55 -10.28 10.27
C THR A 162 30.79 -11.37 11.31
N SER A 163 30.84 -10.96 12.56
CA SER A 163 31.11 -11.91 13.63
C SER A 163 29.95 -12.86 13.85
N THR A 164 28.72 -12.42 13.58
CA THR A 164 27.55 -13.26 13.77
C THR A 164 26.57 -13.22 12.61
N ASN A 165 26.56 -12.16 11.80
CA ASN A 165 25.77 -12.17 10.59
C ASN A 165 26.40 -13.11 9.56
N PRO A 166 25.58 -13.85 8.81
CA PRO A 166 26.12 -14.71 7.75
C PRO A 166 26.52 -13.90 6.52
N SER A 167 27.68 -14.25 5.98
CA SER A 167 28.28 -13.47 4.91
C SER A 167 28.85 -14.41 3.86
N ILE A 168 29.05 -13.88 2.66
CA ILE A 168 29.59 -14.62 1.53
C ILE A 168 30.74 -13.83 0.93
N PHE A 169 31.86 -14.52 0.69
CA PHE A 169 32.99 -13.97 -0.04
C PHE A 169 33.10 -14.67 -1.38
N TRP A 170 33.18 -13.90 -2.46
CA TRP A 170 33.14 -14.50 -3.79
C TRP A 170 34.10 -13.79 -4.72
N THR A 171 34.90 -14.56 -5.45
CA THR A 171 35.87 -14.00 -6.38
C THR A 171 35.44 -14.28 -7.81
N GLU A 172 35.65 -13.30 -8.69
CA GLU A 172 35.10 -13.34 -10.03
C GLU A 172 35.70 -14.47 -10.86
N GLY A 173 34.87 -15.06 -11.70
CA GLY A 173 35.28 -16.15 -12.56
C GLY A 173 34.78 -17.52 -12.14
N ASN A 174 34.16 -17.64 -10.99
CA ASN A 174 33.70 -18.92 -10.48
C ASN A 174 32.19 -19.03 -10.66
N ALA A 175 31.62 -20.12 -10.13
CA ALA A 175 30.18 -20.28 -10.14
C ALA A 175 29.52 -19.14 -9.37
N PRO A 176 28.27 -18.83 -9.67
CA PRO A 176 27.54 -17.84 -8.89
C PRO A 176 27.27 -18.34 -7.49
N PRO A 177 27.32 -17.47 -6.49
CA PRO A 177 27.04 -17.90 -5.12
C PRO A 177 25.59 -18.27 -4.93
N ARG A 178 25.32 -19.09 -3.91
CA ARG A 178 23.97 -19.58 -3.69
C ARG A 178 23.83 -20.07 -2.27
N MET A 179 22.69 -19.78 -1.64
CA MET A 179 22.42 -20.28 -0.29
C MET A 179 20.93 -20.51 -0.09
N SER A 180 20.59 -21.10 1.04
CA SER A 180 19.21 -21.45 1.39
C SER A 180 18.79 -20.76 2.67
N ILE A 181 17.53 -20.34 2.73
CA ILE A 181 16.96 -19.67 3.89
C ILE A 181 15.69 -20.40 4.30
N PRO A 182 15.46 -20.62 5.59
CA PRO A 182 14.22 -21.27 6.00
C PRO A 182 13.06 -20.29 6.12
N PHE A 183 11.91 -20.78 6.60
CA PHE A 183 10.73 -19.94 6.74
C PHE A 183 10.87 -19.09 7.99
N ILE A 184 11.33 -17.85 7.85
CA ILE A 184 11.59 -17.01 8.99
C ILE A 184 10.49 -15.97 9.17
N SER A 185 9.43 -16.32 9.89
CA SER A 185 8.34 -15.39 10.12
C SER A 185 7.82 -15.58 11.53
N ILE A 186 7.37 -14.49 12.14
CA ILE A 186 6.78 -14.60 13.46
C ILE A 186 5.35 -15.10 13.39
N GLY A 187 4.66 -14.89 12.27
CA GLY A 187 3.35 -15.48 12.07
C GLY A 187 3.45 -16.92 11.64
N ASN A 188 2.30 -17.49 11.29
CA ASN A 188 2.28 -18.85 10.78
C ASN A 188 2.39 -18.90 9.27
N ALA A 189 2.40 -17.75 8.59
CA ALA A 189 2.57 -17.69 7.15
C ALA A 189 2.85 -16.25 6.78
N TYR A 190 3.49 -16.06 5.63
CA TYR A 190 3.63 -14.72 5.10
C TYR A 190 2.28 -14.21 4.61
N SER A 191 2.19 -12.89 4.46
CA SER A 191 0.95 -12.25 4.02
C SER A 191 1.24 -11.31 2.87
N ASN A 192 0.62 -11.56 1.73
CA ASN A 192 0.75 -10.65 0.60
C ASN A 192 -0.19 -9.47 0.69
N PHE A 193 -1.21 -9.55 1.53
CA PHE A 193 -2.22 -8.51 1.67
C PHE A 193 -2.54 -8.34 3.14
N TYR A 194 -2.71 -7.11 3.58
CA TYR A 194 -3.00 -6.82 4.98
C TYR A 194 -3.91 -5.60 5.03
N ASP A 195 -5.17 -5.81 5.37
CA ASP A 195 -6.15 -4.73 5.48
C ASP A 195 -6.22 -4.27 6.93
N GLY A 196 -5.20 -3.52 7.34
CA GLY A 196 -5.10 -3.06 8.70
C GLY A 196 -4.08 -1.95 8.83
N TRP A 197 -3.93 -1.47 10.05
CA TRP A 197 -3.00 -0.40 10.38
C TRP A 197 -1.92 -0.89 11.33
N SER A 198 -1.00 0.01 11.64
CA SER A 198 0.07 -0.29 12.58
C SER A 198 -0.23 0.18 14.00
N HIS A 199 -0.94 1.28 14.15
CA HIS A 199 -1.32 1.80 15.45
C HIS A 199 -2.77 1.45 15.75
N PHE A 200 -3.10 1.40 17.03
CA PHE A 200 -4.44 0.97 17.43
C PHE A 200 -5.49 2.03 17.19
N SER A 201 -5.09 3.30 17.12
CA SER A 201 -6.00 4.38 16.82
C SER A 201 -6.40 4.43 15.36
N GLN A 202 -6.07 3.39 14.58
CA GLN A 202 -6.43 3.28 13.17
C GLN A 202 -5.77 4.37 12.34
N ASN A 203 -4.46 4.53 12.51
CA ASN A 203 -3.67 5.43 11.69
C ASN A 203 -2.21 4.97 11.76
N GLY A 204 -1.32 5.77 11.22
CA GLY A 204 0.06 5.37 11.06
C GLY A 204 0.37 5.02 9.61
N VAL A 205 0.79 3.78 9.39
CA VAL A 205 1.01 3.28 8.04
C VAL A 205 -0.01 2.19 7.77
N TYR A 206 -0.38 2.05 6.49
CA TYR A 206 -1.44 1.15 6.07
C TYR A 206 -0.87 0.09 5.13
N GLY A 207 -1.18 -1.17 5.41
CA GLY A 207 -0.93 -2.22 4.43
C GLY A 207 0.26 -3.12 4.67
N TYR A 208 0.98 -3.44 3.59
CA TYR A 208 1.95 -4.52 3.60
C TYR A 208 3.17 -4.19 4.44
N ASN A 209 3.63 -2.93 4.42
CA ASN A 209 4.88 -2.57 5.09
C ASN A 209 4.83 -2.73 6.60
N THR A 210 3.67 -3.03 7.17
CA THR A 210 3.56 -3.22 8.61
C THR A 210 4.10 -4.57 9.07
N LEU A 211 4.33 -5.50 8.14
CA LEU A 211 4.59 -6.89 8.50
C LEU A 211 5.84 -7.50 7.88
N ASN A 212 6.68 -6.72 7.20
CA ASN A 212 7.73 -7.35 6.39
C ASN A 212 8.90 -7.82 7.24
N HIS A 213 9.66 -6.89 7.80
CA HIS A 213 10.65 -7.14 8.86
C HIS A 213 11.42 -8.45 8.66
N MET A 214 12.19 -8.52 7.58
CA MET A 214 13.01 -9.70 7.32
C MET A 214 14.46 -9.40 7.00
N GLY A 215 14.91 -8.16 7.14
CA GLY A 215 16.33 -7.89 7.09
C GLY A 215 16.76 -7.13 5.85
N GLN A 216 18.09 -7.03 5.71
CA GLN A 216 18.69 -6.21 4.67
C GLN A 216 19.90 -6.93 4.09
N ILE A 217 20.32 -6.47 2.91
CA ILE A 217 21.51 -6.97 2.23
C ILE A 217 22.44 -5.80 1.97
N TYR A 218 23.73 -6.00 2.21
CA TYR A 218 24.78 -5.05 1.88
C TYR A 218 25.86 -5.73 1.05
N VAL A 219 26.36 -5.04 0.04
CA VAL A 219 27.32 -5.62 -0.91
C VAL A 219 28.45 -4.63 -1.13
N ARG A 220 29.70 -5.12 -1.10
CA ARG A 220 30.86 -4.25 -1.23
C ARG A 220 32.02 -4.96 -1.90
N HIS A 221 32.97 -4.15 -2.37
CA HIS A 221 34.24 -4.62 -2.89
C HIS A 221 35.20 -4.91 -1.73
N VAL A 222 35.86 -6.06 -1.78
CA VAL A 222 36.78 -6.40 -0.69
C VAL A 222 38.16 -5.81 -0.94
N ASN A 223 38.59 -5.74 -2.19
CA ASN A 223 39.96 -5.31 -2.49
C ASN A 223 40.25 -3.92 -1.93
N GLY A 224 39.51 -2.91 -2.36
CA GLY A 224 39.90 -1.55 -2.04
C GLY A 224 41.13 -1.15 -2.84
N SER A 225 40.93 -0.97 -4.14
CA SER A 225 42.04 -0.98 -5.10
C SER A 225 41.67 -0.06 -6.27
N SER A 226 42.21 -0.35 -7.45
CA SER A 226 41.79 0.21 -8.73
C SER A 226 42.11 1.69 -8.86
N PRO A 227 43.39 2.04 -9.03
CA PRO A 227 43.72 3.42 -9.42
C PRO A 227 42.84 3.95 -10.54
N LEU A 228 42.53 3.12 -11.52
CA LEU A 228 41.45 3.40 -12.44
C LEU A 228 40.19 2.70 -11.96
N PRO A 229 39.16 3.46 -11.61
CA PRO A 229 38.02 2.87 -10.91
C PRO A 229 37.20 1.95 -11.79
N MET A 230 36.58 0.95 -11.16
CA MET A 230 35.66 0.06 -11.81
C MET A 230 34.29 0.26 -11.23
N THR A 231 33.29 -0.34 -11.85
CA THR A 231 31.92 -0.30 -11.35
C THR A 231 31.27 -1.66 -11.57
N SER A 232 30.53 -2.10 -10.57
CA SER A 232 29.96 -3.43 -10.59
C SER A 232 28.45 -3.35 -10.54
N THR A 233 27.82 -4.51 -10.70
CA THR A 233 26.38 -4.64 -10.67
C THR A 233 26.04 -6.01 -10.13
N VAL A 234 25.14 -6.05 -9.16
CA VAL A 234 24.70 -7.28 -8.51
C VAL A 234 23.22 -7.48 -8.79
N ARG A 235 22.85 -8.73 -9.06
CA ARG A 235 21.46 -9.11 -9.31
C ARG A 235 21.12 -10.33 -8.48
N MET A 236 19.98 -10.28 -7.79
CA MET A 236 19.55 -11.31 -6.86
C MET A 236 18.40 -12.12 -7.48
N TYR A 237 18.37 -13.42 -7.18
CA TYR A 237 17.38 -14.33 -7.76
C TYR A 237 16.81 -15.21 -6.65
N PHE A 238 15.50 -15.10 -6.43
CA PHE A 238 14.76 -15.92 -5.48
C PHE A 238 14.22 -17.17 -6.14
N LYS A 239 14.05 -18.20 -5.34
CA LYS A 239 13.34 -19.40 -5.78
C LYS A 239 12.77 -20.10 -4.56
N PRO A 240 11.45 -20.12 -4.40
CA PRO A 240 10.86 -20.78 -3.26
C PRO A 240 10.78 -22.29 -3.42
N LYS A 241 10.70 -22.99 -2.27
CA LYS A 241 10.53 -24.42 -2.27
C LYS A 241 9.83 -24.85 -0.99
N HIS A 242 9.23 -26.05 -1.05
CA HIS A 242 8.40 -26.59 0.02
C HIS A 242 7.25 -25.63 0.36
N VAL A 243 6.42 -25.39 -0.65
CA VAL A 243 5.47 -24.28 -0.67
C VAL A 243 4.11 -24.75 -0.19
N LYS A 244 3.39 -23.88 0.51
CA LYS A 244 1.97 -24.04 0.80
C LYS A 244 1.28 -22.70 0.66
N VAL A 245 0.08 -22.70 0.10
CA VAL A 245 -0.66 -21.47 -0.17
C VAL A 245 -2.12 -21.62 0.25
N TRP A 246 -2.75 -20.48 0.55
CA TRP A 246 -4.13 -20.43 1.03
C TRP A 246 -4.85 -19.22 0.47
N VAL A 247 -6.15 -19.43 0.21
CA VAL A 247 -7.15 -18.43 -0.16
C VAL A 247 -6.84 -17.76 -1.49
N PRO A 248 -7.10 -18.42 -2.62
CA PRO A 248 -6.83 -17.81 -3.92
C PRO A 248 -7.59 -16.52 -4.15
N ARG A 249 -7.08 -15.70 -5.05
CA ARG A 249 -7.60 -14.39 -5.38
C ARG A 249 -7.63 -14.19 -6.89
N PRO A 250 -8.36 -13.19 -7.38
CA PRO A 250 -8.33 -12.91 -8.81
C PRO A 250 -7.03 -12.25 -9.19
N PRO A 251 -6.49 -12.54 -10.37
CA PRO A 251 -5.25 -11.90 -10.81
C PRO A 251 -5.42 -10.41 -10.97
N ARG A 252 -4.29 -9.71 -10.98
CA ARG A 252 -4.35 -8.26 -11.07
C ARG A 252 -4.56 -7.82 -12.52
N LEU A 253 -5.39 -6.80 -12.69
CA LEU A 253 -5.73 -6.29 -14.00
C LEU A 253 -4.99 -5.01 -14.35
N CYS A 254 -4.71 -4.18 -13.36
CA CYS A 254 -4.09 -2.88 -13.59
C CYS A 254 -2.58 -2.95 -13.35
N GLN A 255 -1.87 -2.02 -13.97
CA GLN A 255 -0.42 -1.97 -13.82
C GLN A 255 -0.05 -1.37 -12.47
N TYR A 256 0.98 -1.94 -11.86
CA TYR A 256 1.46 -1.45 -10.57
C TYR A 256 2.04 -0.05 -10.71
N LYS A 257 2.15 0.63 -9.57
CA LYS A 257 2.67 2.00 -9.53
C LYS A 257 3.86 2.15 -8.60
N ASN A 258 3.89 1.43 -7.48
CA ASN A 258 5.03 1.46 -6.58
C ASN A 258 5.10 0.13 -5.84
N ALA A 259 6.10 0.02 -4.98
CA ALA A 259 6.35 -1.25 -4.31
C ALA A 259 5.61 -1.38 -2.98
N SER A 260 5.19 -0.27 -2.40
CA SER A 260 4.64 -0.30 -1.06
C SER A 260 3.12 -0.46 -1.07
N THR A 261 2.43 0.32 -1.88
CA THR A 261 0.97 0.34 -1.89
C THR A 261 0.42 -0.59 -2.96
N VAL A 262 -0.89 -0.52 -3.16
CA VAL A 262 -1.56 -1.22 -4.25
C VAL A 262 -2.34 -0.25 -5.13
N ASN A 263 -1.96 1.02 -5.13
CA ASN A 263 -2.68 2.02 -5.89
C ASN A 263 -2.60 1.71 -7.38
N PHE A 264 -3.62 2.17 -8.12
CA PHE A 264 -3.73 1.87 -9.53
C PHE A 264 -4.42 3.01 -10.25
N THR A 265 -4.28 3.04 -11.54
CA THR A 265 -5.06 3.88 -12.43
C THR A 265 -6.18 3.05 -13.06
N PRO A 266 -7.41 3.54 -13.08
CA PRO A 266 -8.51 2.71 -13.60
C PRO A 266 -8.32 2.34 -15.06
N THR A 267 -8.50 1.06 -15.37
CA THR A 267 -8.33 0.51 -16.70
C THR A 267 -9.63 -0.13 -17.17
N ASN A 268 -9.66 -0.50 -18.45
CA ASN A 268 -10.81 -1.16 -19.05
C ASN A 268 -10.84 -2.63 -18.69
N ILE A 269 -11.96 -3.28 -18.99
CA ILE A 269 -12.11 -4.70 -18.68
C ILE A 269 -11.42 -5.56 -19.73
N THR A 270 -11.58 -5.19 -21.00
CA THR A 270 -10.93 -5.89 -22.10
C THR A 270 -10.99 -4.97 -23.32
N GLU A 271 -10.66 -5.50 -24.49
CA GLU A 271 -10.63 -4.72 -25.72
C GLU A 271 -11.87 -4.98 -26.55
N LYS A 272 -12.09 -4.10 -27.52
CA LYS A 272 -13.32 -4.06 -28.29
C LYS A 272 -13.26 -4.96 -29.52
N ARG A 273 -14.43 -5.21 -30.09
CA ARG A 273 -14.56 -5.77 -31.43
C ARG A 273 -15.62 -4.96 -32.16
N GLN A 274 -16.05 -5.45 -33.32
CA GLN A 274 -16.95 -4.67 -34.17
C GLN A 274 -18.37 -4.64 -33.64
N SER A 275 -18.89 -5.78 -33.22
CA SER A 275 -20.23 -5.87 -32.69
C SER A 275 -20.36 -7.18 -31.94
N ILE A 276 -21.51 -7.38 -31.29
CA ILE A 276 -21.72 -8.57 -30.47
C ILE A 276 -21.90 -9.82 -31.30
N ASN A 277 -21.84 -9.72 -32.63
CA ASN A 277 -22.03 -10.86 -33.50
C ASN A 277 -20.84 -11.14 -34.40
N TYR A 278 -19.77 -10.36 -34.29
CA TYR A 278 -18.73 -10.36 -35.30
C TYR A 278 -17.82 -11.59 -35.14
N ILE A 279 -17.69 -12.35 -36.21
CA ILE A 279 -16.69 -13.41 -36.32
C ILE A 279 -16.05 -13.29 -37.69
N PRO A 280 -14.72 -13.26 -37.77
CA PRO A 280 -14.07 -13.13 -39.07
C PRO A 280 -14.12 -14.41 -39.89
N GLU A 281 -14.35 -14.25 -41.18
CA GLU A 281 -14.38 -15.39 -42.10
C GLU A 281 -12.96 -15.83 -42.41
N THR A 282 -12.70 -17.12 -42.26
CA THR A 282 -11.38 -17.68 -42.53
C THR A 282 -11.36 -18.65 -43.69
N VAL A 283 -12.49 -19.21 -44.08
CA VAL A 283 -12.55 -20.11 -45.23
C VAL A 283 -12.94 -19.30 -46.45
N LYS A 284 -11.95 -18.80 -47.18
CA LYS A 284 -12.17 -17.97 -48.35
C LYS A 284 -11.58 -18.64 -49.58
N PRO A 285 -12.20 -18.45 -50.74
CA PRO A 285 -11.74 -19.08 -51.98
C PRO A 285 -10.57 -18.34 -52.62
N ASP B 1 -38.60 -26.97 0.42
CA ASP B 1 -37.17 -27.01 0.16
C ASP B 1 -36.58 -25.60 0.05
N ARG B 2 -37.46 -24.61 -0.10
CA ARG B 2 -37.04 -23.22 -0.14
C ARG B 2 -37.32 -22.47 1.15
N VAL B 3 -37.87 -23.13 2.16
CA VAL B 3 -38.09 -22.52 3.47
C VAL B 3 -36.88 -22.82 4.35
N ARG B 4 -36.56 -21.88 5.24
CA ARG B 4 -35.39 -22.06 6.07
C ARG B 4 -35.53 -21.23 7.32
N SER B 5 -34.98 -21.74 8.42
CA SER B 5 -35.02 -21.07 9.71
C SER B 5 -33.67 -21.17 10.38
N ILE B 6 -33.19 -20.06 10.94
CA ILE B 6 -31.93 -20.02 11.67
C ILE B 6 -32.16 -19.38 13.02
N THR B 7 -31.71 -20.06 14.08
CA THR B 7 -31.84 -19.59 15.45
C THR B 7 -30.47 -19.39 16.06
N LEU B 8 -30.24 -18.22 16.66
CA LEU B 8 -29.01 -17.93 17.38
C LEU B 8 -29.34 -17.08 18.59
N GLY B 9 -29.09 -17.62 19.78
CA GLY B 9 -29.37 -16.89 21.00
C GLY B 9 -30.84 -16.68 21.17
N ASN B 10 -31.24 -15.42 21.35
CA ASN B 10 -32.65 -15.05 21.34
C ASN B 10 -33.04 -14.38 20.02
N SER B 11 -32.51 -14.87 18.91
CA SER B 11 -32.84 -14.33 17.60
C SER B 11 -33.21 -15.47 16.66
N THR B 12 -34.15 -15.19 15.77
CA THR B 12 -34.57 -16.16 14.77
C THR B 12 -34.83 -15.44 13.45
N ILE B 13 -34.46 -16.08 12.37
CA ILE B 13 -34.76 -15.60 11.02
C ILE B 13 -35.48 -16.71 10.28
N THR B 14 -36.57 -16.36 9.61
CA THR B 14 -37.29 -17.28 8.74
C THR B 14 -37.23 -16.76 7.32
N THR B 15 -37.34 -17.67 6.36
CA THR B 15 -37.40 -17.29 4.97
C THR B 15 -38.17 -18.34 4.20
N GLN B 16 -38.84 -17.91 3.13
CA GLN B 16 -39.64 -18.79 2.30
C GLN B 16 -39.17 -18.83 0.86
N GLU B 17 -38.09 -18.13 0.53
CA GLU B 17 -37.54 -18.06 -0.82
C GLU B 17 -36.04 -18.22 -0.79
N SER B 18 -35.56 -19.26 -0.13
CA SER B 18 -34.14 -19.48 0.06
C SER B 18 -33.53 -20.27 -1.10
N ALA B 19 -32.30 -19.94 -1.43
CA ALA B 19 -31.56 -20.75 -2.40
C ALA B 19 -30.88 -21.93 -1.71
N ASN B 20 -29.93 -21.64 -0.84
CA ASN B 20 -29.16 -22.63 -0.10
C ASN B 20 -28.35 -21.85 0.93
N VAL B 21 -27.43 -22.52 1.61
CA VAL B 21 -26.48 -21.85 2.48
C VAL B 21 -25.07 -22.19 2.02
N VAL B 22 -24.25 -21.16 1.82
CA VAL B 22 -22.85 -21.34 1.46
C VAL B 22 -22.03 -21.37 2.74
N VAL B 23 -21.21 -22.40 2.88
CA VAL B 23 -20.22 -22.49 3.95
C VAL B 23 -18.85 -22.24 3.34
N ALA B 24 -18.17 -21.18 3.79
CA ALA B 24 -17.17 -20.49 3.00
C ALA B 24 -16.21 -21.43 2.27
N TYR B 25 -15.44 -22.22 3.00
CA TYR B 25 -14.50 -23.14 2.38
C TYR B 25 -14.77 -24.55 2.85
N GLY B 26 -16.04 -24.85 3.10
CA GLY B 26 -16.42 -26.14 3.63
C GLY B 26 -16.14 -26.34 5.09
N ARG B 27 -15.90 -25.28 5.85
CA ARG B 27 -15.54 -25.39 7.25
C ARG B 27 -16.38 -24.45 8.10
N TRP B 28 -16.82 -24.95 9.23
CA TRP B 28 -17.67 -24.21 10.15
C TRP B 28 -16.85 -23.54 11.24
N PRO B 29 -17.35 -22.46 11.81
CA PRO B 29 -16.67 -21.82 12.94
C PRO B 29 -16.49 -22.78 14.10
N GLU B 30 -15.36 -22.65 14.77
CA GLU B 30 -15.04 -23.49 15.93
C GLU B 30 -14.17 -22.71 16.90
N TYR B 31 -14.02 -23.26 18.10
CA TYR B 31 -13.18 -22.68 19.13
C TYR B 31 -11.72 -23.09 18.92
N LEU B 32 -10.83 -22.26 19.43
CA LEU B 32 -9.40 -22.55 19.35
C LEU B 32 -9.04 -23.75 20.22
N LYS B 33 -8.18 -24.62 19.68
CA LYS B 33 -7.77 -25.82 20.39
C LYS B 33 -6.51 -25.58 21.21
N ASP B 34 -6.17 -26.57 22.03
CA ASP B 34 -5.05 -26.39 22.96
C ASP B 34 -3.70 -26.52 22.27
N ASN B 35 -3.61 -27.31 21.20
CA ASN B 35 -2.35 -27.49 20.50
C ASN B 35 -2.16 -26.53 19.35
N GLU B 36 -2.88 -25.42 19.34
CA GLU B 36 -2.61 -24.38 18.35
C GLU B 36 -2.71 -22.97 18.93
N ALA B 37 -2.87 -22.83 20.24
CA ALA B 37 -2.93 -21.52 20.85
C ALA B 37 -1.53 -21.00 21.16
N THR B 38 -1.45 -19.72 21.50
CA THR B 38 -0.18 -19.16 21.93
C THR B 38 -0.34 -18.34 23.20
N ALA B 39 -1.51 -17.75 23.42
CA ALA B 39 -1.75 -16.92 24.60
C ALA B 39 -2.10 -17.81 25.78
N GLU B 40 -1.71 -17.40 26.98
CA GLU B 40 -1.66 -18.31 28.11
C GLU B 40 -2.75 -18.12 29.14
N ASP B 41 -3.46 -17.00 29.13
CA ASP B 41 -4.48 -16.80 30.13
C ASP B 41 -5.80 -17.44 29.71
N GLN B 42 -6.70 -17.56 30.66
CA GLN B 42 -7.98 -18.20 30.41
C GLN B 42 -8.89 -17.24 29.65
N PRO B 43 -9.44 -17.63 28.51
CA PRO B 43 -10.31 -16.74 27.75
C PRO B 43 -11.73 -16.68 28.31
N THR B 44 -12.47 -15.69 27.85
CA THR B 44 -13.87 -15.50 28.19
C THR B 44 -14.74 -15.83 26.99
N GLN B 45 -15.94 -16.37 27.26
CA GLN B 45 -16.86 -16.79 26.21
C GLN B 45 -18.29 -16.45 26.60
N PRO B 46 -18.76 -15.26 26.23
CA PRO B 46 -20.12 -14.84 26.61
C PRO B 46 -21.21 -15.77 26.10
N ASP B 47 -21.17 -16.11 24.81
CA ASP B 47 -21.83 -17.27 24.22
C ASP B 47 -23.33 -17.18 23.93
N VAL B 48 -24.06 -16.26 24.55
CA VAL B 48 -25.40 -15.97 24.04
C VAL B 48 -25.61 -14.48 24.01
N ALA B 49 -24.79 -13.76 24.77
CA ALA B 49 -24.88 -12.31 24.80
C ALA B 49 -24.15 -11.67 23.63
N THR B 50 -23.32 -12.43 22.91
CA THR B 50 -22.62 -11.95 21.73
C THR B 50 -22.98 -12.68 20.47
N CYS B 51 -23.29 -13.97 20.54
CA CYS B 51 -23.59 -14.78 19.35
C CYS B 51 -25.08 -14.66 19.09
N ARG B 52 -25.42 -13.76 18.15
CA ARG B 52 -26.72 -13.12 18.10
C ARG B 52 -26.81 -12.35 16.80
N PHE B 53 -28.03 -12.15 16.31
CA PHE B 53 -28.24 -11.44 15.06
C PHE B 53 -28.40 -9.93 15.31
N TYR B 54 -27.52 -9.14 14.71
CA TYR B 54 -27.56 -7.69 14.74
C TYR B 54 -27.90 -7.20 13.35
N THR B 55 -28.69 -6.14 13.26
CA THR B 55 -29.19 -5.63 12.00
C THR B 55 -28.62 -4.24 11.74
N LEU B 56 -27.93 -4.08 10.62
CA LEU B 56 -27.40 -2.78 10.24
C LEU B 56 -28.52 -1.95 9.62
N GLU B 57 -28.18 -0.79 9.08
CA GLU B 57 -29.20 0.06 8.48
C GLU B 57 -29.26 -0.17 6.97
N SER B 58 -30.46 0.04 6.42
CA SER B 58 -30.79 -0.36 5.07
C SER B 58 -30.26 0.63 4.04
N VAL B 59 -30.21 0.20 2.79
CA VAL B 59 -29.85 1.07 1.69
C VAL B 59 -30.92 0.98 0.61
N THR B 60 -30.96 1.99 -0.26
CA THR B 60 -32.02 2.14 -1.24
C THR B 60 -31.50 1.78 -2.62
N TRP B 61 -32.01 0.70 -3.19
CA TRP B 61 -31.61 0.26 -4.52
C TRP B 61 -32.35 1.11 -5.56
N GLU B 62 -31.60 1.83 -6.37
CA GLU B 62 -32.19 2.71 -7.36
C GLU B 62 -31.89 2.21 -8.77
N ARG B 63 -32.29 2.99 -9.77
CA ARG B 63 -32.06 2.60 -11.16
C ARG B 63 -30.57 2.50 -11.46
N ASP B 64 -29.79 3.49 -11.01
CA ASP B 64 -28.36 3.57 -11.29
C ASP B 64 -27.63 3.61 -9.96
N SER B 65 -27.36 2.44 -9.39
CA SER B 65 -26.62 2.35 -8.15
C SER B 65 -25.42 1.46 -8.37
N PRO B 66 -24.20 1.94 -8.13
CA PRO B 66 -23.03 1.09 -8.35
C PRO B 66 -22.90 -0.06 -7.38
N GLY B 67 -23.06 0.17 -6.08
CA GLY B 67 -22.92 -0.89 -5.11
C GLY B 67 -22.51 -0.32 -3.76
N TRP B 68 -22.30 -1.23 -2.81
CA TRP B 68 -22.00 -0.85 -1.44
C TRP B 68 -21.02 -1.84 -0.83
N TRP B 69 -20.26 -1.39 0.17
CA TRP B 69 -19.35 -2.27 0.90
C TRP B 69 -19.31 -1.91 2.38
N TRP B 70 -19.11 -2.94 3.21
CA TRP B 70 -18.91 -2.81 4.64
C TRP B 70 -17.64 -3.54 5.06
N LYS B 71 -17.04 -3.11 6.17
CA LYS B 71 -15.86 -3.76 6.73
C LYS B 71 -16.19 -4.45 8.04
N PHE B 72 -15.70 -5.68 8.22
CA PHE B 72 -16.02 -6.49 9.38
C PHE B 72 -14.74 -7.00 10.02
N PRO B 73 -14.55 -6.79 11.34
CA PRO B 73 -15.43 -6.06 12.27
C PRO B 73 -15.31 -4.55 12.03
N ASP B 74 -15.63 -3.75 13.04
CA ASP B 74 -15.70 -2.30 13.00
C ASP B 74 -17.01 -1.83 12.39
N ALA B 75 -17.80 -2.71 11.81
CA ALA B 75 -19.19 -2.40 11.57
C ALA B 75 -20.07 -2.81 12.73
N LEU B 76 -19.55 -3.63 13.65
CA LEU B 76 -20.28 -4.14 14.78
C LEU B 76 -19.73 -3.65 16.11
N LYS B 77 -18.98 -2.55 16.11
CA LYS B 77 -18.31 -2.12 17.33
C LYS B 77 -19.22 -1.33 18.27
N ASP B 78 -20.46 -1.08 17.88
CA ASP B 78 -21.43 -0.42 18.74
C ASP B 78 -22.67 -1.27 18.98
N MET B 79 -22.57 -2.57 18.77
CA MET B 79 -23.71 -3.46 18.89
C MET B 79 -23.64 -4.20 20.22
N GLY B 80 -24.08 -3.52 21.28
CA GLY B 80 -24.28 -4.16 22.56
C GLY B 80 -23.03 -4.76 23.15
N LEU B 81 -23.18 -5.95 23.71
CA LEU B 81 -22.10 -6.59 24.45
C LEU B 81 -20.99 -7.10 23.56
N PHE B 82 -21.26 -7.38 22.29
CA PHE B 82 -20.17 -7.72 21.39
C PHE B 82 -19.17 -6.57 21.26
N GLY B 83 -19.67 -5.34 21.08
CA GLY B 83 -18.78 -4.20 21.05
C GLY B 83 -18.17 -3.88 22.40
N GLN B 84 -18.93 -4.08 23.48
CA GLN B 84 -18.37 -3.81 24.80
C GLN B 84 -17.19 -4.73 25.10
N ASN B 85 -17.31 -6.02 24.80
CA ASN B 85 -16.17 -6.91 24.93
C ASN B 85 -15.02 -6.49 24.04
N MET B 86 -15.34 -5.92 22.88
CA MET B 86 -14.32 -5.46 21.94
C MET B 86 -13.49 -4.35 22.53
N TYR B 87 -14.10 -3.46 23.32
CA TYR B 87 -13.36 -2.32 23.84
C TYR B 87 -12.44 -2.68 25.00
N TYR B 88 -12.67 -3.78 25.69
CA TYR B 88 -11.99 -4.08 26.94
C TYR B 88 -10.94 -5.16 26.81
N HIS B 89 -10.80 -5.77 25.65
CA HIS B 89 -9.87 -6.87 25.47
C HIS B 89 -8.83 -6.52 24.42
N TYR B 90 -7.78 -7.32 24.38
CA TYR B 90 -6.69 -7.07 23.44
C TYR B 90 -6.79 -8.01 22.24
N LEU B 91 -7.23 -9.25 22.44
CA LEU B 91 -7.38 -10.21 21.37
C LEU B 91 -8.81 -10.74 21.31
N GLY B 92 -9.30 -10.94 20.09
CA GLY B 92 -10.63 -11.51 19.88
C GLY B 92 -10.66 -12.40 18.65
N ARG B 93 -11.70 -13.23 18.59
CA ARG B 93 -11.81 -14.23 17.52
C ARG B 93 -13.26 -14.65 17.37
N ALA B 94 -13.77 -14.69 16.13
CA ALA B 94 -15.15 -15.07 15.88
C ALA B 94 -15.38 -15.37 14.41
N GLY B 95 -16.32 -16.29 14.14
CA GLY B 95 -16.87 -16.49 12.81
C GLY B 95 -18.18 -15.74 12.65
N TYR B 96 -18.79 -15.88 11.48
CA TYR B 96 -19.95 -15.05 11.15
C TYR B 96 -20.98 -15.79 10.32
N THR B 97 -22.23 -15.39 10.50
CA THR B 97 -23.34 -15.72 9.61
C THR B 97 -23.89 -14.43 9.04
N ILE B 98 -23.85 -14.29 7.72
CA ILE B 98 -24.33 -13.09 7.04
C ILE B 98 -25.60 -13.44 6.29
N HIS B 99 -26.61 -12.58 6.41
CA HIS B 99 -27.90 -12.75 5.76
C HIS B 99 -28.29 -11.44 5.10
N VAL B 100 -28.51 -11.45 3.79
CA VAL B 100 -28.94 -10.28 3.04
C VAL B 100 -30.38 -10.49 2.57
N GLN B 101 -31.22 -9.48 2.78
CA GLN B 101 -32.63 -9.54 2.42
C GLN B 101 -32.95 -8.44 1.43
N CYS B 102 -33.70 -8.79 0.39
CA CYS B 102 -34.23 -7.84 -0.59
C CYS B 102 -35.36 -8.51 -1.34
N ASN B 103 -36.56 -7.96 -1.25
CA ASN B 103 -37.72 -8.54 -1.91
C ASN B 103 -38.34 -7.56 -2.89
N ALA B 104 -39.02 -8.11 -3.91
CA ALA B 104 -39.73 -7.30 -4.88
C ALA B 104 -40.76 -8.19 -5.56
N SER B 105 -41.70 -7.55 -6.25
CA SER B 105 -42.80 -8.24 -6.90
C SER B 105 -42.31 -9.06 -8.09
N LYS B 106 -43.26 -9.73 -8.73
CA LYS B 106 -42.97 -10.52 -9.92
C LYS B 106 -42.92 -9.69 -11.19
N PHE B 107 -43.04 -8.38 -11.08
CA PHE B 107 -42.96 -7.49 -12.21
C PHE B 107 -41.73 -6.60 -12.19
N HIS B 108 -40.80 -6.86 -11.28
CA HIS B 108 -39.51 -6.19 -11.23
C HIS B 108 -38.44 -7.10 -11.80
N GLN B 109 -37.28 -6.52 -12.09
CA GLN B 109 -36.14 -7.30 -12.54
C GLN B 109 -34.85 -6.69 -12.04
N GLY B 110 -33.88 -7.54 -11.78
CA GLY B 110 -32.58 -7.12 -11.30
C GLY B 110 -31.78 -8.30 -10.81
N CYS B 111 -30.50 -8.06 -10.56
CA CYS B 111 -29.62 -9.13 -10.12
C CYS B 111 -28.46 -8.54 -9.34
N LEU B 112 -28.27 -9.01 -8.10
CA LEU B 112 -27.21 -8.56 -7.23
C LEU B 112 -26.24 -9.70 -6.96
N MET B 113 -24.99 -9.33 -6.73
CA MET B 113 -23.95 -10.23 -6.27
C MET B 113 -23.57 -9.86 -4.85
N VAL B 114 -23.47 -10.86 -3.99
CA VAL B 114 -23.18 -10.68 -2.57
C VAL B 114 -21.93 -11.50 -2.27
N VAL B 115 -20.82 -10.84 -1.96
CA VAL B 115 -19.53 -11.51 -1.88
C VAL B 115 -18.77 -11.04 -0.65
N CYS B 116 -18.15 -11.98 0.06
CA CYS B 116 -17.28 -11.69 1.19
C CYS B 116 -15.83 -11.89 0.78
N VAL B 117 -15.02 -10.85 0.91
CA VAL B 117 -13.64 -10.80 0.43
C VAL B 117 -12.72 -10.73 1.65
N PRO B 118 -11.87 -11.74 1.87
CA PRO B 118 -10.88 -11.62 2.95
C PRO B 118 -9.78 -10.64 2.58
N GLU B 119 -9.52 -9.71 3.48
CA GLU B 119 -8.40 -8.77 3.38
C GLU B 119 -8.45 -7.98 2.09
N ALA B 120 -9.53 -7.22 1.93
CA ALA B 120 -9.76 -6.43 0.73
C ALA B 120 -9.04 -5.09 0.85
N GLU B 121 -7.72 -5.14 0.65
CA GLU B 121 -6.92 -3.94 0.72
C GLU B 121 -7.20 -3.03 -0.48
N MET B 122 -7.46 -1.75 -0.20
CA MET B 122 -7.93 -0.80 -1.21
C MET B 122 -6.91 0.29 -1.46
N GLY B 123 -7.03 0.94 -2.61
CA GLY B 123 -6.06 1.93 -3.07
C GLY B 123 -6.68 3.31 -3.22
N CYS B 124 -5.86 4.33 -2.99
CA CYS B 124 -6.29 5.72 -2.98
C CYS B 124 -6.45 6.25 -4.41
N SER B 125 -7.13 7.39 -4.52
CA SER B 125 -7.33 8.00 -5.83
C SER B 125 -6.07 8.67 -6.35
N GLN B 126 -5.28 9.27 -5.47
CA GLN B 126 -3.96 9.78 -5.81
C GLN B 126 -2.95 8.65 -5.67
N VAL B 127 -2.33 8.26 -6.78
CA VAL B 127 -1.57 7.02 -6.80
C VAL B 127 -0.39 7.08 -5.84
N ASP B 128 0.23 8.24 -5.72
CA ASP B 128 1.31 8.44 -4.74
C ASP B 128 0.77 9.08 -3.47
N GLY B 129 -0.21 8.41 -2.87
CA GLY B 129 -0.84 8.91 -1.67
C GLY B 129 -1.24 7.79 -0.73
N THR B 130 -2.00 8.10 0.30
CA THR B 130 -2.41 7.11 1.28
C THR B 130 -3.88 7.30 1.60
N VAL B 131 -4.46 6.29 2.23
CA VAL B 131 -5.89 6.29 2.53
C VAL B 131 -6.11 6.75 3.96
N ASN B 132 -7.34 7.17 4.22
CA ASN B 132 -7.82 7.47 5.57
C ASN B 132 -8.59 6.28 6.11
N GLU B 133 -8.90 6.34 7.40
CA GLU B 133 -9.84 5.37 7.96
C GLU B 133 -11.27 5.82 7.73
N HIS B 134 -11.51 7.12 7.61
CA HIS B 134 -12.87 7.58 7.35
C HIS B 134 -13.32 7.21 5.95
N SER B 135 -12.43 7.27 4.97
CA SER B 135 -12.81 6.92 3.61
C SER B 135 -12.78 5.42 3.35
N LEU B 136 -12.34 4.62 4.33
CA LEU B 136 -12.39 3.18 4.23
C LEU B 136 -13.67 2.60 4.83
N SER B 137 -14.10 3.09 5.98
CA SER B 137 -15.25 2.56 6.66
C SER B 137 -16.05 3.70 7.27
N GLU B 138 -17.31 3.42 7.61
CA GLU B 138 -18.14 4.39 8.30
C GLU B 138 -19.00 3.73 9.38
N GLY B 139 -18.57 2.60 9.92
CA GLY B 139 -19.34 1.92 10.94
C GLY B 139 -20.44 1.05 10.37
N GLU B 140 -21.68 1.35 10.71
CA GLU B 140 -22.80 0.60 10.16
C GLU B 140 -23.39 1.23 8.91
N THR B 141 -22.96 2.44 8.57
CA THR B 141 -23.33 3.05 7.31
C THR B 141 -22.43 2.55 6.20
N ALA B 142 -23.01 2.24 5.05
CA ALA B 142 -22.25 1.68 3.95
C ALA B 142 -21.51 2.77 3.19
N LYS B 143 -20.42 2.37 2.56
CA LYS B 143 -19.73 3.22 1.60
C LYS B 143 -20.17 2.86 0.19
N LYS B 144 -20.23 3.87 -0.67
CA LYS B 144 -20.81 3.73 -1.99
C LYS B 144 -19.73 3.68 -3.06
N PHE B 145 -19.85 2.72 -3.98
CA PHE B 145 -19.01 2.70 -5.16
C PHE B 145 -19.37 3.86 -6.08
N ALA B 146 -18.61 4.00 -7.16
CA ALA B 146 -18.85 5.03 -8.15
C ALA B 146 -18.94 4.41 -9.53
N SER B 147 -19.66 5.10 -10.42
CA SER B 147 -19.81 4.59 -11.78
C SER B 147 -18.63 5.00 -12.65
N THR B 148 -18.03 6.14 -12.38
CA THR B 148 -16.89 6.64 -13.13
C THR B 148 -15.68 6.75 -12.20
N SER B 149 -14.55 7.16 -12.77
CA SER B 149 -13.32 7.26 -12.00
C SER B 149 -13.38 8.46 -11.07
N THR B 150 -13.03 8.25 -9.80
CA THR B 150 -13.06 9.31 -8.81
C THR B 150 -11.73 10.05 -8.77
N ASN B 151 -11.78 11.34 -8.45
CA ASN B 151 -10.59 12.14 -8.27
C ASN B 151 -10.44 12.60 -6.82
N GLY B 152 -11.42 13.33 -6.29
CA GLY B 152 -11.53 13.65 -4.88
C GLY B 152 -10.23 14.01 -4.18
N THR B 153 -10.12 13.57 -2.93
CA THR B 153 -8.88 13.66 -2.18
C THR B 153 -8.92 12.66 -1.04
N ASN B 154 -7.85 11.87 -0.91
CA ASN B 154 -7.72 10.87 0.14
C ASN B 154 -8.74 9.75 0.01
N THR B 155 -9.61 9.85 -0.99
CA THR B 155 -10.72 8.92 -1.16
C THR B 155 -10.27 7.69 -1.91
N VAL B 156 -10.98 6.58 -1.69
CA VAL B 156 -10.67 5.34 -2.38
C VAL B 156 -11.00 5.49 -3.85
N GLN B 157 -10.26 4.78 -4.70
CA GLN B 157 -10.58 4.71 -6.12
C GLN B 157 -11.83 3.85 -6.25
N SER B 158 -12.98 4.49 -6.39
CA SER B 158 -14.27 3.88 -6.10
C SER B 158 -14.96 3.31 -7.33
N ILE B 159 -14.38 3.48 -8.52
CA ILE B 159 -15.03 3.00 -9.73
C ILE B 159 -15.33 1.52 -9.59
N VAL B 160 -16.54 1.12 -10.00
CA VAL B 160 -17.03 -0.19 -9.61
C VAL B 160 -16.46 -1.32 -10.46
N THR B 161 -16.04 -1.02 -11.69
CA THR B 161 -15.50 -2.08 -12.55
C THR B 161 -14.19 -2.65 -12.02
N ASN B 162 -13.50 -1.95 -11.13
CA ASN B 162 -12.25 -2.45 -10.56
C ASN B 162 -12.36 -2.85 -9.11
N ALA B 163 -13.50 -2.59 -8.46
CA ALA B 163 -13.78 -3.01 -7.09
C ALA B 163 -12.81 -2.41 -6.09
N GLY B 164 -12.22 -1.27 -6.42
CA GLY B 164 -11.28 -0.62 -5.52
C GLY B 164 -10.03 -1.41 -5.22
N MET B 165 -9.78 -2.51 -5.91
CA MET B 165 -8.64 -3.36 -5.61
C MET B 165 -7.71 -3.62 -6.79
N GLY B 166 -8.00 -3.08 -7.97
CA GLY B 166 -7.16 -3.28 -9.12
C GLY B 166 -7.42 -4.56 -9.89
N VAL B 167 -8.60 -5.16 -9.72
CA VAL B 167 -8.93 -6.42 -10.37
C VAL B 167 -10.13 -6.21 -11.28
N GLY B 168 -10.57 -7.29 -11.94
CA GLY B 168 -11.82 -7.24 -12.67
C GLY B 168 -12.94 -7.79 -11.82
N VAL B 169 -14.07 -7.06 -11.79
CA VAL B 169 -15.14 -7.44 -10.89
C VAL B 169 -15.78 -8.76 -11.28
N GLY B 170 -15.87 -9.07 -12.56
CA GLY B 170 -16.44 -10.33 -12.98
C GLY B 170 -15.69 -11.55 -12.52
N ASN B 171 -14.49 -11.37 -11.96
CA ASN B 171 -13.69 -12.45 -11.41
C ASN B 171 -13.86 -12.60 -9.92
N LEU B 172 -14.77 -11.86 -9.31
CA LEU B 172 -14.92 -11.93 -7.85
C LEU B 172 -15.60 -13.20 -7.39
N THR B 173 -16.01 -14.08 -8.29
CA THR B 173 -16.65 -15.33 -7.92
C THR B 173 -15.66 -16.36 -7.39
N ILE B 174 -14.38 -16.02 -7.25
CA ILE B 174 -13.43 -16.95 -6.66
C ILE B 174 -13.59 -16.95 -5.14
N PHE B 175 -14.24 -15.94 -4.58
CA PHE B 175 -14.52 -15.85 -3.17
C PHE B 175 -15.89 -16.44 -2.85
N PRO B 176 -16.20 -16.69 -1.57
CA PRO B 176 -17.54 -17.17 -1.22
C PRO B 176 -18.59 -16.12 -1.53
N HIS B 177 -19.63 -16.52 -2.26
CA HIS B 177 -20.56 -15.55 -2.83
C HIS B 177 -21.90 -16.21 -3.11
N GLN B 178 -22.91 -15.37 -3.25
CA GLN B 178 -24.22 -15.79 -3.74
C GLN B 178 -24.80 -14.70 -4.64
N TRP B 179 -25.86 -15.06 -5.33
CA TRP B 179 -26.59 -14.14 -6.19
C TRP B 179 -28.00 -13.96 -5.66
N ILE B 180 -28.54 -12.76 -5.86
CA ILE B 180 -29.96 -12.52 -5.65
C ILE B 180 -30.55 -12.10 -6.99
N ASN B 181 -31.26 -13.03 -7.62
CA ASN B 181 -32.00 -12.78 -8.84
C ASN B 181 -33.44 -12.53 -8.45
N LEU B 182 -33.96 -11.34 -8.75
CA LEU B 182 -35.26 -10.94 -8.24
C LEU B 182 -36.40 -11.82 -8.71
N ARG B 183 -36.16 -12.81 -9.55
CA ARG B 183 -37.21 -13.72 -9.99
C ARG B 183 -37.05 -15.12 -9.41
N THR B 184 -36.02 -15.35 -8.61
CA THR B 184 -35.79 -16.67 -8.03
C THR B 184 -35.86 -16.66 -6.51
N ASN B 185 -35.09 -15.79 -5.85
CA ASN B 185 -35.03 -15.77 -4.40
C ASN B 185 -35.08 -14.33 -3.93
N ASN B 186 -35.12 -14.15 -2.61
CA ASN B 186 -35.08 -12.82 -2.04
C ASN B 186 -34.09 -12.70 -0.89
N CYS B 187 -33.28 -13.72 -0.63
CA CYS B 187 -32.32 -13.68 0.46
C CYS B 187 -31.08 -14.45 0.09
N ALA B 188 -29.96 -14.09 0.72
CA ALA B 188 -28.70 -14.79 0.54
C ALA B 188 -28.05 -15.00 1.90
N THR B 189 -27.38 -16.14 2.05
CA THR B 189 -26.80 -16.53 3.32
C THR B 189 -25.40 -17.10 3.13
N ILE B 190 -24.44 -16.58 3.88
CA ILE B 190 -23.06 -17.06 3.85
C ILE B 190 -22.61 -17.33 5.28
N VAL B 191 -21.97 -18.46 5.50
CA VAL B 191 -21.38 -18.78 6.79
C VAL B 191 -19.86 -18.80 6.63
N MET B 192 -19.19 -17.90 7.35
CA MET B 192 -17.78 -17.67 7.16
C MET B 192 -16.99 -17.94 8.44
N PRO B 193 -16.01 -18.84 8.43
CA PRO B 193 -15.21 -19.08 9.63
C PRO B 193 -14.15 -18.01 9.85
N TYR B 194 -13.31 -18.20 10.86
CA TYR B 194 -12.24 -17.24 11.14
C TYR B 194 -11.04 -17.54 10.25
N ILE B 195 -10.56 -16.53 9.54
CA ILE B 195 -9.49 -16.69 8.56
C ILE B 195 -8.41 -15.65 8.86
N ASN B 196 -7.21 -16.11 9.15
CA ASN B 196 -6.09 -15.25 9.48
C ASN B 196 -4.82 -16.07 9.39
N ASN B 197 -3.67 -15.40 9.46
CA ASN B 197 -2.41 -16.11 9.58
C ASN B 197 -1.94 -16.21 11.03
N VAL B 198 -2.71 -15.70 11.97
CA VAL B 198 -2.43 -15.84 13.40
C VAL B 198 -3.69 -16.38 14.05
N PRO B 199 -3.56 -17.09 15.17
CA PRO B 199 -4.76 -17.68 15.79
C PRO B 199 -5.73 -16.66 16.35
N MET B 200 -5.25 -15.53 16.85
CA MET B 200 -6.12 -14.46 17.34
C MET B 200 -5.53 -13.12 16.91
N ASP B 201 -6.31 -12.06 17.03
CA ASP B 201 -5.85 -10.77 16.55
C ASP B 201 -6.67 -9.67 17.21
N ASN B 202 -6.15 -8.45 17.12
CA ASN B 202 -6.84 -7.29 17.65
C ASN B 202 -7.93 -6.85 16.70
N MET B 203 -9.09 -6.52 17.26
CA MET B 203 -10.29 -6.26 16.49
C MET B 203 -10.44 -4.81 16.04
N PHE B 204 -9.56 -3.93 16.49
CA PHE B 204 -9.66 -2.53 16.08
C PHE B 204 -8.68 -2.21 14.97
N ARG B 205 -7.51 -2.85 14.99
CA ARG B 205 -6.41 -2.52 14.11
C ARG B 205 -6.52 -3.16 12.74
N HIS B 206 -7.33 -4.21 12.61
CA HIS B 206 -7.30 -5.09 11.46
C HIS B 206 -8.71 -5.38 10.98
N HIS B 207 -8.99 -5.14 9.70
CA HIS B 207 -10.27 -5.46 9.10
C HIS B 207 -10.21 -6.88 8.53
N ASN B 208 -10.93 -7.80 9.14
CA ASN B 208 -10.84 -9.20 8.73
C ASN B 208 -11.35 -9.39 7.32
N PHE B 209 -12.58 -8.98 7.04
CA PHE B 209 -13.07 -9.14 5.67
C PHE B 209 -13.97 -7.97 5.30
N THR B 210 -14.39 -7.96 4.04
CA THR B 210 -15.25 -6.94 3.49
C THR B 210 -16.45 -7.61 2.86
N LEU B 211 -17.63 -7.05 3.07
CA LEU B 211 -18.84 -7.51 2.41
C LEU B 211 -19.19 -6.53 1.29
N MET B 212 -19.22 -7.02 0.06
CA MET B 212 -19.56 -6.21 -1.11
C MET B 212 -20.88 -6.67 -1.69
N ILE B 213 -21.67 -5.70 -2.13
CA ILE B 213 -22.95 -5.94 -2.77
C ILE B 213 -22.97 -5.11 -4.05
N ILE B 214 -23.05 -5.77 -5.20
CA ILE B 214 -22.88 -5.13 -6.49
C ILE B 214 -24.01 -5.54 -7.42
N PRO B 215 -24.78 -4.61 -7.98
CA PRO B 215 -25.81 -4.98 -8.96
C PRO B 215 -25.21 -5.16 -10.35
N PHE B 216 -25.34 -6.38 -10.89
CA PHE B 216 -24.86 -6.63 -12.24
C PHE B 216 -25.91 -6.27 -13.28
N VAL B 217 -27.17 -6.59 -13.02
CA VAL B 217 -28.29 -6.14 -13.83
C VAL B 217 -29.04 -5.07 -13.03
N PRO B 218 -29.28 -3.90 -13.60
CA PRO B 218 -29.94 -2.84 -12.83
C PRO B 218 -31.41 -3.15 -12.56
N LEU B 219 -31.97 -2.41 -11.62
CA LEU B 219 -33.37 -2.55 -11.26
C LEU B 219 -34.26 -1.93 -12.33
N ASP B 220 -35.40 -2.56 -12.60
CA ASP B 220 -36.31 -2.04 -13.59
C ASP B 220 -37.74 -2.46 -13.29
N TYR B 221 -38.67 -1.54 -13.57
CA TYR B 221 -40.09 -1.73 -13.33
C TYR B 221 -40.83 -0.83 -14.31
N SER B 222 -42.15 -0.79 -14.21
CA SER B 222 -42.93 -0.06 -15.21
C SER B 222 -44.23 0.48 -14.65
N SER B 223 -44.24 1.75 -14.27
CA SER B 223 -45.35 2.70 -14.28
C SER B 223 -46.41 2.48 -13.19
N ASP B 224 -46.43 1.37 -12.49
CA ASP B 224 -47.30 1.28 -11.33
C ASP B 224 -46.63 0.62 -10.14
N SER B 225 -45.51 -0.05 -10.35
CA SER B 225 -44.89 -0.81 -9.28
C SER B 225 -44.25 0.15 -8.27
N SER B 226 -43.96 -0.40 -7.10
CA SER B 226 -43.26 0.37 -6.08
C SER B 226 -41.91 0.81 -6.61
N THR B 227 -41.58 2.07 -6.41
CA THR B 227 -40.27 2.56 -6.78
C THR B 227 -39.25 2.42 -5.68
N TYR B 228 -39.68 2.17 -4.45
CA TYR B 228 -38.77 2.09 -3.30
C TYR B 228 -38.47 0.63 -3.01
N VAL B 229 -37.23 0.23 -3.21
CA VAL B 229 -36.78 -1.13 -2.92
C VAL B 229 -35.57 -1.08 -2.00
N PRO B 230 -35.70 -1.47 -0.74
CA PRO B 230 -34.56 -1.46 0.17
C PRO B 230 -33.82 -2.79 0.25
N ILE B 231 -32.56 -2.70 0.65
CA ILE B 231 -31.70 -3.86 0.90
C ILE B 231 -31.25 -3.80 2.35
N THR B 232 -31.28 -4.96 3.03
CA THR B 232 -30.96 -5.02 4.45
C THR B 232 -29.98 -6.15 4.72
N VAL B 233 -29.08 -5.93 5.69
CA VAL B 233 -28.05 -6.91 6.05
C VAL B 233 -28.18 -7.25 7.53
N THR B 234 -27.91 -8.50 7.88
CA THR B 234 -28.02 -8.97 9.26
C THR B 234 -26.90 -9.95 9.54
N VAL B 235 -26.13 -9.71 10.60
CA VAL B 235 -24.90 -10.44 10.85
C VAL B 235 -24.95 -11.05 12.25
N ALA B 236 -24.41 -12.25 12.40
CA ALA B 236 -24.37 -12.92 13.70
C ALA B 236 -22.98 -13.48 13.96
N PRO B 237 -22.29 -13.04 15.00
CA PRO B 237 -21.04 -13.70 15.40
C PRO B 237 -21.29 -15.13 15.85
N MET B 238 -20.21 -15.91 15.85
CA MET B 238 -20.27 -17.32 16.20
C MET B 238 -18.97 -17.73 16.86
N CYS B 239 -19.07 -18.39 18.01
CA CYS B 239 -17.91 -18.90 18.74
C CYS B 239 -16.91 -17.79 19.05
N ALA B 240 -17.39 -16.74 19.72
CA ALA B 240 -16.54 -15.60 20.02
C ALA B 240 -15.66 -15.88 21.23
N GLU B 241 -14.46 -15.32 21.21
CA GLU B 241 -13.47 -15.53 22.25
C GLU B 241 -12.67 -14.25 22.42
N TYR B 242 -12.25 -13.98 23.66
CA TYR B 242 -11.49 -12.79 23.98
C TYR B 242 -10.41 -13.11 25.01
N ASN B 243 -9.26 -12.45 24.85
CA ASN B 243 -8.13 -12.53 25.77
C ASN B 243 -7.54 -11.16 26.01
N GLY B 244 -6.93 -10.99 27.17
CA GLY B 244 -6.16 -9.80 27.47
C GLY B 244 -6.94 -8.64 28.05
N LEU B 245 -7.60 -8.87 29.18
CA LEU B 245 -8.47 -7.87 29.78
C LEU B 245 -7.67 -6.74 30.42
N ARG B 246 -8.00 -5.51 30.07
CA ARG B 246 -7.43 -4.33 30.70
C ARG B 246 -8.42 -3.18 30.56
N LEU B 247 -7.97 -1.96 30.80
CA LEU B 247 -8.87 -0.81 30.73
C LEU B 247 -9.35 -0.59 29.30
N ALA B 248 -10.27 0.35 29.15
CA ALA B 248 -11.00 0.49 27.90
C ALA B 248 -10.32 1.48 26.95
N THR B 249 -10.33 1.15 25.67
CA THR B 249 -9.74 2.00 24.65
C THR B 249 -10.60 3.22 24.39
N SER B 250 -10.04 4.18 23.66
CA SER B 250 -10.76 5.36 23.22
C SER B 250 -10.48 5.62 21.76
N LEU B 251 -11.28 6.48 21.14
CA LEU B 251 -11.08 6.84 19.75
C LEU B 251 -11.50 8.28 19.49
N GLY C 1 43.20 -37.75 -4.33
CA GLY C 1 42.07 -38.51 -3.82
C GLY C 1 41.39 -39.32 -4.91
N LEU C 2 40.08 -39.19 -5.01
CA LEU C 2 39.32 -39.95 -5.99
C LEU C 2 39.40 -39.27 -7.35
N PRO C 3 39.76 -40.00 -8.41
CA PRO C 3 39.87 -39.38 -9.73
C PRO C 3 38.50 -39.13 -10.34
N VAL C 4 38.31 -37.92 -10.88
CA VAL C 4 37.02 -37.46 -11.39
C VAL C 4 37.25 -36.71 -12.69
N MET C 5 36.15 -36.47 -13.41
CA MET C 5 36.19 -35.72 -14.67
C MET C 5 34.98 -34.80 -14.76
N ASN C 6 35.21 -33.57 -15.22
CA ASN C 6 34.15 -32.57 -15.34
C ASN C 6 33.50 -32.64 -16.71
N THR C 7 32.18 -32.81 -16.72
CA THR C 7 31.38 -32.90 -17.92
C THR C 7 30.79 -31.56 -18.28
N PRO C 8 30.35 -31.37 -19.54
CA PRO C 8 29.80 -30.06 -19.92
C PRO C 8 28.57 -29.70 -19.11
N GLY C 9 28.35 -28.41 -18.95
CA GLY C 9 27.34 -27.93 -18.05
C GLY C 9 27.81 -27.66 -16.65
N SER C 10 29.11 -27.50 -16.45
CA SER C 10 29.65 -27.25 -15.12
C SER C 10 29.82 -25.76 -14.89
N ASN C 11 29.53 -25.33 -13.67
CA ASN C 11 29.62 -23.93 -13.27
C ASN C 11 28.66 -23.04 -14.05
N GLN C 12 27.52 -23.58 -14.44
CA GLN C 12 26.46 -22.80 -15.06
C GLN C 12 25.34 -22.58 -14.06
N PHE C 13 24.54 -21.55 -14.32
CA PHE C 13 23.35 -21.26 -13.53
C PHE C 13 22.14 -21.45 -14.41
N LEU C 14 21.50 -22.60 -14.31
CA LEU C 14 20.24 -22.89 -14.98
C LEU C 14 19.09 -22.54 -14.04
N THR C 15 18.20 -21.68 -14.50
CA THR C 15 17.16 -21.11 -13.64
C THR C 15 16.18 -22.16 -13.12
N SER C 16 16.00 -23.27 -13.83
CA SER C 16 15.00 -24.25 -13.44
C SER C 16 15.60 -25.56 -12.95
N ASP C 17 16.80 -25.53 -12.37
CA ASP C 17 17.40 -26.70 -11.76
C ASP C 17 16.85 -26.89 -10.34
N ASP C 18 17.30 -27.94 -9.67
CA ASP C 18 17.06 -28.06 -8.24
C ASP C 18 18.12 -28.97 -7.63
N PHE C 19 19.10 -28.36 -6.97
CA PHE C 19 20.12 -29.03 -6.22
C PHE C 19 20.01 -28.65 -4.75
N GLN C 20 20.65 -29.42 -3.88
CA GLN C 20 20.75 -29.04 -2.50
C GLN C 20 21.80 -27.94 -2.33
N SER C 21 21.74 -27.24 -1.20
CA SER C 21 22.61 -26.09 -0.99
C SER C 21 22.81 -25.90 0.50
N PRO C 22 23.84 -25.18 0.91
CA PRO C 22 24.04 -24.93 2.34
C PRO C 22 23.05 -23.92 2.89
N SER C 23 22.60 -24.15 4.10
CA SER C 23 21.68 -23.26 4.78
C SER C 23 22.47 -22.18 5.51
N ALA C 24 22.00 -20.95 5.44
CA ALA C 24 22.71 -19.83 6.04
C ALA C 24 22.36 -19.63 7.51
N MET C 25 21.38 -20.35 8.05
CA MET C 25 20.99 -20.26 9.46
C MET C 25 20.82 -21.67 10.00
N PRO C 26 21.89 -22.29 10.44
CA PRO C 26 21.80 -23.69 10.88
C PRO C 26 20.98 -23.85 12.15
N GLN C 27 20.13 -24.87 12.15
CA GLN C 27 19.33 -25.28 13.30
C GLN C 27 18.31 -24.20 13.69
N PHE C 28 17.57 -23.72 12.72
CA PHE C 28 16.53 -22.74 12.94
C PHE C 28 15.22 -23.44 13.27
N ASP C 29 14.47 -22.90 14.23
CA ASP C 29 13.21 -23.47 14.68
C ASP C 29 12.06 -22.71 14.03
N VAL C 30 11.32 -23.37 13.15
CA VAL C 30 10.27 -22.69 12.42
C VAL C 30 8.99 -22.63 13.24
N THR C 31 8.20 -21.58 12.99
CA THR C 31 6.89 -21.45 13.60
C THR C 31 6.04 -22.67 13.28
N PRO C 32 5.24 -23.15 14.22
CA PRO C 32 4.36 -24.30 13.93
C PRO C 32 3.36 -23.95 12.85
N GLU C 33 2.70 -24.98 12.34
CA GLU C 33 1.79 -24.81 11.22
C GLU C 33 0.35 -24.73 11.68
N LEU C 34 -0.42 -23.86 11.03
CA LEU C 34 -1.81 -23.60 11.38
C LEU C 34 -2.72 -24.07 10.27
N ASN C 35 -3.83 -24.68 10.64
CA ASN C 35 -4.82 -25.17 9.69
C ASN C 35 -5.69 -24.01 9.24
N ILE C 36 -5.30 -23.36 8.15
CA ILE C 36 -6.04 -22.24 7.59
C ILE C 36 -7.05 -22.79 6.59
N PRO C 37 -8.26 -22.25 6.52
CA PRO C 37 -9.22 -22.74 5.53
C PRO C 37 -8.89 -22.26 4.13
N GLY C 38 -9.06 -23.15 3.16
CA GLY C 38 -8.91 -22.78 1.77
C GLY C 38 -7.56 -23.06 1.16
N GLU C 39 -7.02 -24.25 1.38
CA GLU C 39 -5.70 -24.58 0.88
C GLU C 39 -5.75 -25.08 -0.56
N VAL C 40 -4.91 -24.50 -1.39
CA VAL C 40 -4.85 -24.81 -2.81
C VAL C 40 -3.71 -25.79 -3.05
N GLN C 41 -3.93 -26.76 -3.92
CA GLN C 41 -2.93 -27.76 -4.24
C GLN C 41 -2.67 -27.92 -5.74
N ASN C 42 -3.43 -27.24 -6.58
CA ASN C 42 -3.34 -27.39 -8.02
C ASN C 42 -4.09 -26.25 -8.66
N LEU C 43 -3.47 -25.56 -9.61
CA LEU C 43 -4.13 -24.44 -10.26
C LEU C 43 -5.38 -24.87 -11.01
N MET C 44 -5.48 -26.13 -11.40
CA MET C 44 -6.67 -26.60 -12.09
C MET C 44 -7.88 -26.64 -11.19
N GLU C 45 -7.73 -26.34 -9.91
CA GLU C 45 -8.89 -26.14 -9.05
C GLU C 45 -9.48 -24.75 -9.21
N ILE C 46 -8.65 -23.77 -9.58
CA ILE C 46 -9.14 -22.41 -9.76
C ILE C 46 -9.87 -22.28 -11.08
N ALA C 47 -9.37 -22.94 -12.13
CA ALA C 47 -9.99 -22.81 -13.44
C ALA C 47 -11.34 -23.52 -13.51
N GLU C 48 -11.68 -24.31 -12.51
CA GLU C 48 -12.95 -25.00 -12.48
C GLU C 48 -14.07 -24.20 -11.83
N VAL C 49 -13.86 -22.93 -11.61
CA VAL C 49 -14.85 -22.06 -10.98
C VAL C 49 -15.36 -21.07 -12.02
N ASP C 50 -16.67 -20.87 -12.04
CA ASP C 50 -17.29 -19.97 -13.02
C ASP C 50 -16.80 -18.54 -12.83
N SER C 51 -16.92 -17.75 -13.90
CA SER C 51 -16.65 -16.33 -13.83
C SER C 51 -17.32 -15.64 -15.01
N VAL C 52 -17.85 -14.46 -14.76
CA VAL C 52 -18.66 -13.77 -15.75
C VAL C 52 -17.82 -13.39 -16.96
N VAL C 53 -18.41 -13.50 -18.13
CA VAL C 53 -17.73 -13.29 -19.42
C VAL C 53 -18.16 -11.93 -19.96
N PRO C 54 -17.25 -11.09 -20.42
CA PRO C 54 -17.62 -9.81 -21.03
C PRO C 54 -17.93 -9.91 -22.52
N VAL C 55 -19.15 -10.34 -22.84
CA VAL C 55 -19.50 -10.61 -24.23
C VAL C 55 -19.78 -9.34 -25.01
N ASN C 56 -20.30 -8.30 -24.37
CA ASN C 56 -20.75 -7.10 -25.07
C ASN C 56 -19.66 -6.04 -25.11
N ASN C 57 -18.50 -6.42 -25.68
CA ASN C 57 -17.32 -5.54 -25.64
C ASN C 57 -17.24 -4.72 -26.93
N VAL C 58 -18.03 -3.66 -26.97
CA VAL C 58 -18.05 -2.76 -28.10
C VAL C 58 -17.63 -1.37 -27.62
N GLU C 59 -17.50 -0.44 -28.56
CA GLU C 59 -17.12 0.92 -28.22
C GLU C 59 -18.15 1.58 -27.31
N GLY C 60 -17.67 2.29 -26.30
CA GLY C 60 -18.51 3.01 -25.37
C GLY C 60 -18.94 2.23 -24.15
N LYS C 61 -18.58 0.95 -24.07
CA LYS C 61 -19.02 0.10 -22.97
C LYS C 61 -17.88 -0.74 -22.41
N LEU C 62 -16.63 -0.28 -22.51
CA LEU C 62 -15.52 -1.07 -22.04
C LEU C 62 -15.21 -0.85 -20.57
N ASP C 63 -15.73 0.22 -19.98
CA ASP C 63 -15.46 0.55 -18.58
C ASP C 63 -16.75 0.68 -17.77
N THR C 64 -17.82 0.02 -18.20
CA THR C 64 -19.08 0.01 -17.48
C THR C 64 -19.53 -1.42 -17.27
N MET C 65 -20.49 -1.59 -16.37
CA MET C 65 -21.05 -2.91 -16.13
C MET C 65 -21.89 -3.41 -17.30
N GLU C 66 -22.20 -2.55 -18.26
CA GLU C 66 -22.92 -2.95 -19.45
C GLU C 66 -22.16 -3.98 -20.28
N ILE C 67 -20.85 -4.11 -20.08
CA ILE C 67 -20.05 -5.02 -20.86
C ILE C 67 -20.36 -6.48 -20.55
N TYR C 68 -21.13 -6.74 -19.50
CA TYR C 68 -21.32 -8.11 -19.05
C TYR C 68 -22.67 -8.70 -19.45
N ARG C 69 -23.61 -7.91 -19.94
CA ARG C 69 -24.98 -8.35 -20.12
C ARG C 69 -25.38 -8.29 -21.58
N ILE C 70 -26.08 -9.32 -22.03
CA ILE C 70 -26.48 -9.49 -23.42
C ILE C 70 -27.94 -9.08 -23.56
N PRO C 71 -28.27 -8.11 -24.41
CA PRO C 71 -29.64 -7.61 -24.46
C PRO C 71 -30.57 -8.53 -25.24
N VAL C 72 -31.85 -8.50 -24.88
CA VAL C 72 -32.84 -9.32 -25.56
C VAL C 72 -34.20 -8.69 -25.30
N GLN C 73 -35.13 -8.86 -26.24
CA GLN C 73 -36.41 -8.17 -26.11
C GLN C 73 -37.52 -8.96 -26.77
N SER C 74 -38.72 -8.42 -26.67
CA SER C 74 -39.93 -9.03 -27.18
C SER C 74 -40.37 -8.39 -28.49
N GLY C 75 -41.12 -9.15 -29.27
CA GLY C 75 -41.48 -8.77 -30.62
C GLY C 75 -40.92 -9.75 -31.63
N ASN C 76 -40.94 -9.34 -32.88
CA ASN C 76 -40.46 -10.20 -33.96
C ASN C 76 -39.01 -9.86 -34.25
N HIS C 77 -38.09 -10.66 -33.73
CA HIS C 77 -36.66 -10.48 -33.95
C HIS C 77 -36.00 -11.79 -34.31
N GLN C 78 -36.73 -12.69 -34.97
CA GLN C 78 -36.21 -14.02 -35.24
C GLN C 78 -35.08 -14.02 -36.25
N SER C 79 -35.06 -13.08 -37.20
CA SER C 79 -33.99 -13.01 -38.16
C SER C 79 -32.70 -12.47 -37.58
N SER C 80 -32.75 -11.85 -36.41
CA SER C 80 -31.57 -11.27 -35.78
C SER C 80 -30.91 -12.28 -34.86
N GLN C 81 -29.59 -12.24 -34.83
CA GLN C 81 -28.81 -13.11 -33.97
C GLN C 81 -28.62 -12.47 -32.61
N VAL C 82 -28.52 -13.30 -31.58
CA VAL C 82 -28.36 -12.77 -30.22
C VAL C 82 -26.90 -12.46 -29.95
N PHE C 83 -26.02 -13.45 -30.06
CA PHE C 83 -24.60 -13.22 -29.91
C PHE C 83 -23.85 -14.30 -30.66
N GLY C 84 -22.54 -14.13 -30.77
CA GLY C 84 -21.66 -15.13 -31.34
C GLY C 84 -20.20 -14.80 -31.16
N PHE C 85 -19.37 -15.82 -30.91
CA PHE C 85 -17.94 -15.57 -30.72
C PHE C 85 -17.14 -16.84 -30.97
N GLN C 86 -15.83 -16.65 -31.12
CA GLN C 86 -14.91 -17.75 -31.38
C GLN C 86 -14.44 -18.39 -30.09
N VAL C 87 -14.17 -19.69 -30.16
CA VAL C 87 -13.73 -20.46 -29.00
C VAL C 87 -12.20 -20.41 -28.99
N GLN C 88 -11.66 -19.37 -28.35
CA GLN C 88 -10.23 -19.22 -28.14
C GLN C 88 -10.02 -18.80 -26.71
N PRO C 89 -9.96 -19.75 -25.77
CA PRO C 89 -10.01 -19.39 -24.35
C PRO C 89 -8.83 -18.57 -23.87
N GLY C 90 -7.79 -18.40 -24.66
CA GLY C 90 -6.63 -17.69 -24.19
C GLY C 90 -6.14 -16.63 -25.14
N LEU C 91 -6.85 -16.42 -26.23
CA LEU C 91 -6.44 -15.45 -27.23
C LEU C 91 -7.53 -14.46 -27.59
N ASP C 92 -8.79 -14.85 -27.49
CA ASP C 92 -9.89 -13.95 -27.83
C ASP C 92 -10.08 -12.90 -26.75
N ASN C 93 -10.43 -11.70 -27.18
CA ASN C 93 -10.68 -10.61 -26.24
C ASN C 93 -11.80 -10.95 -25.27
N VAL C 94 -12.72 -11.82 -25.68
CA VAL C 94 -13.90 -12.11 -24.88
C VAL C 94 -13.53 -12.99 -23.68
N PHE C 95 -12.55 -13.88 -23.85
CA PHE C 95 -12.24 -14.88 -22.85
C PHE C 95 -10.94 -14.67 -22.10
N LYS C 96 -10.07 -13.78 -22.55
CA LYS C 96 -8.68 -13.84 -22.09
C LYS C 96 -8.47 -13.25 -20.71
N HIS C 97 -9.40 -12.45 -20.19
CA HIS C 97 -9.24 -11.87 -18.86
C HIS C 97 -10.14 -12.51 -17.82
N THR C 98 -10.76 -13.65 -18.14
CA THR C 98 -11.48 -14.40 -17.14
C THR C 98 -10.51 -15.27 -16.35
N LEU C 99 -11.02 -15.93 -15.31
CA LEU C 99 -10.18 -16.81 -14.51
C LEU C 99 -9.53 -17.89 -15.37
N LEU C 100 -10.33 -18.57 -16.19
CA LEU C 100 -9.80 -19.60 -17.07
C LEU C 100 -8.75 -19.01 -18.00
N GLY C 101 -9.02 -17.84 -18.57
CA GLY C 101 -8.07 -17.23 -19.48
C GLY C 101 -6.79 -16.79 -18.79
N GLU C 102 -6.90 -16.24 -17.58
CA GLU C 102 -5.72 -15.82 -16.86
C GLU C 102 -4.87 -17.01 -16.45
N ILE C 103 -5.48 -18.14 -16.15
CA ILE C 103 -4.68 -19.32 -15.86
C ILE C 103 -4.03 -19.86 -17.12
N LEU C 104 -4.77 -19.89 -18.24
CA LEU C 104 -4.20 -20.39 -19.48
C LEU C 104 -3.04 -19.55 -19.97
N ASN C 105 -3.10 -18.23 -19.81
CA ASN C 105 -2.03 -17.41 -20.37
C ASN C 105 -0.70 -17.60 -19.66
N TYR C 106 -0.60 -18.47 -18.69
CA TYR C 106 0.67 -18.86 -18.09
C TYR C 106 1.23 -20.14 -18.70
N TYR C 107 0.54 -20.73 -19.67
CA TYR C 107 0.96 -21.99 -20.23
C TYR C 107 0.94 -21.91 -21.75
N ALA C 108 1.49 -22.93 -22.39
CA ALA C 108 1.53 -22.98 -23.83
C ALA C 108 0.51 -23.92 -24.44
N HIS C 109 0.12 -24.99 -23.74
CA HIS C 109 -0.80 -25.96 -24.30
C HIS C 109 -2.01 -26.14 -23.39
N TRP C 110 -3.08 -26.69 -23.95
CA TRP C 110 -4.26 -27.02 -23.16
C TRP C 110 -5.06 -28.11 -23.86
N SER C 111 -5.92 -28.76 -23.09
CA SER C 111 -6.86 -29.71 -23.66
C SER C 111 -7.99 -29.98 -22.67
N GLY C 112 -9.14 -30.39 -23.18
CA GLY C 112 -10.29 -30.74 -22.37
C GLY C 112 -11.53 -29.99 -22.78
N SER C 113 -12.62 -30.28 -22.10
CA SER C 113 -13.93 -29.73 -22.43
C SER C 113 -14.21 -28.47 -21.61
N ILE C 114 -15.16 -27.67 -22.09
CA ILE C 114 -15.47 -26.38 -21.46
C ILE C 114 -16.97 -26.36 -21.15
N LYS C 115 -17.37 -25.54 -20.18
CA LYS C 115 -18.77 -25.33 -19.86
C LYS C 115 -19.11 -23.85 -19.96
N LEU C 116 -20.18 -23.56 -20.70
CA LEU C 116 -20.73 -22.21 -20.75
C LEU C 116 -22.12 -22.24 -20.11
N THR C 117 -22.27 -21.55 -18.99
CA THR C 117 -23.55 -21.48 -18.30
C THR C 117 -24.22 -20.16 -18.63
N PHE C 118 -25.53 -20.19 -18.78
CA PHE C 118 -26.30 -19.01 -19.16
C PHE C 118 -27.40 -18.80 -18.16
N VAL C 119 -27.59 -17.55 -17.73
CA VAL C 119 -28.64 -17.21 -16.79
C VAL C 119 -29.48 -16.08 -17.35
N PHE C 120 -30.79 -16.24 -17.23
CA PHE C 120 -31.77 -15.25 -17.70
C PHE C 120 -32.20 -14.39 -16.53
N CYS C 121 -32.22 -13.08 -16.74
CA CYS C 121 -32.45 -12.11 -15.68
C CYS C 121 -33.56 -11.15 -16.03
N GLY C 122 -34.69 -11.69 -16.49
CA GLY C 122 -35.89 -10.90 -16.71
C GLY C 122 -36.82 -10.98 -15.51
N SER C 123 -38.04 -10.51 -15.71
CA SER C 123 -39.03 -10.62 -14.66
C SER C 123 -39.60 -12.03 -14.63
N ALA C 124 -40.38 -12.33 -13.59
CA ALA C 124 -40.92 -13.68 -13.44
C ALA C 124 -42.09 -13.94 -14.36
N MET C 125 -42.58 -12.93 -15.06
CA MET C 125 -43.70 -13.08 -15.98
C MET C 125 -43.27 -13.16 -17.43
N ALA C 126 -41.98 -13.22 -17.71
CA ALA C 126 -41.50 -13.32 -19.07
C ALA C 126 -41.24 -14.76 -19.45
N THR C 127 -41.48 -15.10 -20.72
CA THR C 127 -41.25 -16.45 -21.21
C THR C 127 -40.50 -16.40 -22.54
N GLY C 128 -39.78 -17.48 -22.84
CA GLY C 128 -39.05 -17.58 -24.10
C GLY C 128 -38.25 -18.86 -24.18
N LYS C 129 -37.78 -19.16 -25.39
CA LYS C 129 -36.91 -20.30 -25.64
C LYS C 129 -35.78 -19.89 -26.56
N PHE C 130 -34.57 -20.40 -26.30
CA PHE C 130 -33.40 -20.03 -27.08
C PHE C 130 -32.69 -21.27 -27.60
N LEU C 131 -31.94 -21.09 -28.68
CA LEU C 131 -31.13 -22.14 -29.28
C LEU C 131 -29.65 -21.76 -29.14
N LEU C 132 -28.87 -22.63 -28.51
CA LEU C 132 -27.45 -22.39 -28.28
C LEU C 132 -26.66 -23.45 -29.02
N ALA C 133 -25.77 -23.03 -29.92
CA ALA C 133 -25.18 -23.93 -30.91
C ALA C 133 -23.67 -23.77 -31.00
N TYR C 134 -22.97 -24.90 -31.09
CA TYR C 134 -21.53 -24.96 -31.27
C TYR C 134 -21.21 -25.65 -32.59
N ALA C 135 -20.24 -25.10 -33.32
CA ALA C 135 -19.87 -25.59 -34.64
C ALA C 135 -18.38 -25.87 -34.69
N PRO C 136 -17.95 -27.13 -34.84
CA PRO C 136 -16.54 -27.42 -35.00
C PRO C 136 -15.96 -26.74 -36.23
N PRO C 137 -14.65 -26.62 -36.32
CA PRO C 137 -14.05 -25.80 -37.38
C PRO C 137 -14.12 -26.47 -38.75
N GLY C 138 -13.90 -25.66 -39.78
CA GLY C 138 -13.87 -26.19 -41.13
C GLY C 138 -14.80 -25.48 -42.07
N ALA C 139 -15.59 -24.55 -41.54
CA ALA C 139 -16.52 -23.77 -42.35
C ALA C 139 -16.68 -22.42 -41.69
N ASN C 140 -17.32 -21.50 -42.41
CA ASN C 140 -17.58 -20.19 -41.85
C ASN C 140 -18.66 -20.28 -40.78
N ALA C 141 -18.86 -19.19 -40.06
CA ALA C 141 -19.85 -19.17 -39.01
C ALA C 141 -21.25 -19.18 -39.62
N PRO C 142 -22.20 -19.92 -39.03
CA PRO C 142 -23.55 -19.95 -39.58
C PRO C 142 -24.18 -18.56 -39.59
N LYS C 143 -25.06 -18.34 -40.57
CA LYS C 143 -25.70 -17.05 -40.77
C LYS C 143 -27.21 -17.12 -40.67
N SER C 144 -27.75 -18.21 -40.17
CA SER C 144 -29.17 -18.37 -39.96
C SER C 144 -29.38 -19.50 -38.96
N ARG C 145 -30.55 -19.53 -38.33
CA ARG C 145 -30.85 -20.61 -37.40
C ARG C 145 -30.85 -21.96 -38.10
N LYS C 146 -31.19 -21.98 -39.39
CA LYS C 146 -31.20 -23.21 -40.14
C LYS C 146 -29.79 -23.79 -40.28
N ASP C 147 -28.79 -22.94 -40.46
CA ASP C 147 -27.42 -23.42 -40.54
C ASP C 147 -26.89 -23.80 -39.18
N ALA C 148 -27.30 -23.07 -38.14
CA ALA C 148 -26.76 -23.33 -36.82
C ALA C 148 -27.31 -24.61 -36.21
N MET C 149 -28.53 -24.98 -36.56
CA MET C 149 -29.12 -26.19 -35.98
C MET C 149 -28.40 -27.47 -36.41
N LEU C 150 -27.48 -27.39 -37.37
CA LEU C 150 -26.81 -28.60 -37.85
C LEU C 150 -25.61 -28.99 -37.01
N GLY C 151 -25.19 -28.14 -36.07
CA GLY C 151 -24.09 -28.45 -35.19
C GLY C 151 -24.56 -29.02 -33.86
N THR C 152 -23.70 -28.93 -32.86
CA THR C 152 -24.04 -29.42 -31.54
C THR C 152 -24.83 -28.34 -30.79
N HIS C 153 -26.11 -28.58 -30.54
CA HIS C 153 -26.90 -27.50 -30.00
C HIS C 153 -27.78 -28.00 -28.86
N ILE C 154 -28.37 -27.05 -28.16
CA ILE C 154 -29.33 -27.31 -27.10
C ILE C 154 -30.41 -26.25 -27.17
N ILE C 155 -31.62 -26.63 -26.80
CA ILE C 155 -32.78 -25.74 -26.76
C ILE C 155 -33.12 -25.50 -25.30
N TRP C 156 -33.04 -24.26 -24.88
CA TRP C 156 -33.18 -23.88 -23.48
C TRP C 156 -34.52 -23.18 -23.27
N ASP C 157 -35.29 -23.69 -22.31
CA ASP C 157 -36.61 -23.18 -21.98
C ASP C 157 -36.57 -22.48 -20.62
N VAL C 158 -36.96 -21.22 -20.60
CA VAL C 158 -36.87 -20.39 -19.40
C VAL C 158 -38.03 -20.72 -18.47
N GLY C 159 -37.72 -21.01 -17.22
CA GLY C 159 -38.72 -21.31 -16.21
C GLY C 159 -38.23 -21.05 -14.81
N LEU C 160 -38.53 -21.95 -13.88
CA LEU C 160 -38.06 -21.81 -12.51
C LEU C 160 -36.54 -21.86 -12.44
N GLN C 161 -35.96 -22.98 -12.86
CA GLN C 161 -34.52 -23.04 -13.01
C GLN C 161 -34.09 -22.00 -14.03
N SER C 162 -33.28 -21.05 -13.60
CA SER C 162 -32.94 -19.90 -14.42
C SER C 162 -31.69 -20.11 -15.25
N SER C 163 -31.03 -21.26 -15.17
CA SER C 163 -29.73 -21.44 -15.80
C SER C 163 -29.74 -22.65 -16.72
N CYS C 164 -28.89 -22.59 -17.73
CA CYS C 164 -28.70 -23.70 -18.65
C CYS C 164 -27.21 -23.85 -18.98
N VAL C 165 -26.79 -25.08 -19.27
CA VAL C 165 -25.40 -25.37 -19.55
C VAL C 165 -25.26 -25.84 -21.00
N LEU C 166 -24.32 -25.23 -21.72
CA LEU C 166 -23.87 -25.70 -23.01
C LEU C 166 -22.46 -26.22 -22.81
N CYS C 167 -22.31 -27.54 -22.83
CA CYS C 167 -20.98 -28.14 -22.73
C CYS C 167 -20.35 -28.20 -24.11
N ILE C 168 -19.12 -27.71 -24.21
CA ILE C 168 -18.36 -27.73 -25.44
C ILE C 168 -17.37 -28.89 -25.35
N PRO C 169 -17.58 -29.97 -26.08
CA PRO C 169 -16.74 -31.15 -25.94
C PRO C 169 -15.45 -31.05 -26.72
N TRP C 170 -14.52 -31.93 -26.38
CA TRP C 170 -13.23 -31.95 -27.05
C TRP C 170 -13.34 -32.74 -28.35
N ILE C 171 -13.22 -32.04 -29.48
CA ILE C 171 -13.20 -32.67 -30.79
C ILE C 171 -12.04 -32.04 -31.54
N SER C 172 -10.89 -32.70 -31.51
CA SER C 172 -9.74 -32.17 -32.22
C SER C 172 -8.89 -33.33 -32.74
N GLN C 173 -8.03 -33.02 -33.70
CA GLN C 173 -7.16 -34.04 -34.27
C GLN C 173 -5.97 -34.32 -33.37
N THR C 174 -5.43 -33.30 -32.73
CA THR C 174 -4.28 -33.43 -31.85
C THR C 174 -4.75 -33.58 -30.40
N HIS C 175 -3.82 -33.98 -29.54
CA HIS C 175 -4.15 -34.14 -28.12
C HIS C 175 -4.17 -32.82 -27.39
N TYR C 176 -3.52 -31.79 -27.91
CA TYR C 176 -3.44 -30.50 -27.27
C TYR C 176 -3.64 -29.41 -28.31
N ARG C 177 -3.77 -28.19 -27.84
CA ARG C 177 -3.90 -27.01 -28.68
C ARG C 177 -3.00 -25.91 -28.15
N LEU C 178 -2.60 -25.02 -29.03
CA LEU C 178 -1.82 -23.87 -28.61
C LEU C 178 -2.71 -22.83 -27.95
N VAL C 179 -2.19 -22.19 -26.92
CA VAL C 179 -2.92 -21.10 -26.30
C VAL C 179 -2.87 -19.85 -27.19
N GLN C 180 -1.82 -19.73 -27.98
CA GLN C 180 -1.71 -18.69 -29.01
C GLN C 180 -2.16 -19.32 -30.34
N GLN C 181 -3.48 -19.35 -30.56
CA GLN C 181 -4.08 -20.18 -31.58
C GLN C 181 -3.89 -19.62 -33.00
N ASP C 182 -3.99 -20.51 -33.98
CA ASP C 182 -3.81 -20.20 -35.39
C ASP C 182 -4.80 -20.97 -36.26
N GLU C 183 -4.76 -20.80 -37.59
CA GLU C 183 -5.62 -21.57 -38.48
C GLU C 183 -5.53 -23.07 -38.20
N TYR C 184 -4.34 -23.55 -37.84
CA TYR C 184 -4.14 -24.99 -37.79
C TYR C 184 -4.79 -25.65 -36.58
N THR C 185 -4.90 -24.94 -35.46
CA THR C 185 -5.48 -25.50 -34.25
C THR C 185 -6.77 -24.78 -33.84
N SER C 186 -7.64 -24.48 -34.81
CA SER C 186 -8.89 -23.81 -34.52
C SER C 186 -9.81 -24.69 -33.71
N ALA C 187 -10.80 -24.08 -33.07
CA ALA C 187 -11.72 -24.81 -32.20
C ALA C 187 -13.20 -24.61 -32.55
N GLY C 188 -13.54 -23.61 -33.35
CA GLY C 188 -14.92 -23.42 -33.78
C GLY C 188 -15.48 -22.09 -33.29
N ASN C 189 -16.79 -22.05 -33.14
CA ASN C 189 -17.46 -20.85 -32.66
C ASN C 189 -18.76 -21.23 -31.97
N VAL C 190 -19.42 -20.23 -31.39
CA VAL C 190 -20.67 -20.39 -30.67
C VAL C 190 -21.59 -19.25 -31.07
N THR C 191 -22.87 -19.56 -31.27
CA THR C 191 -23.87 -18.58 -31.68
C THR C 191 -25.14 -18.79 -30.86
N CYS C 192 -26.02 -17.78 -30.89
CA CYS C 192 -27.31 -17.89 -30.21
C CYS C 192 -28.42 -17.28 -31.06
N TRP C 193 -29.57 -17.95 -31.07
CA TRP C 193 -30.71 -17.54 -31.89
C TRP C 193 -32.00 -17.66 -31.09
N TYR C 194 -32.97 -16.82 -31.41
CA TYR C 194 -34.32 -16.97 -30.88
C TYR C 194 -34.95 -18.25 -31.39
N GLN C 195 -35.50 -19.06 -30.49
CA GLN C 195 -36.22 -20.25 -30.94
C GLN C 195 -37.72 -20.00 -31.06
N THR C 196 -38.32 -19.31 -30.10
CA THR C 196 -39.70 -18.88 -30.25
C THR C 196 -39.92 -17.40 -29.96
N GLY C 197 -39.03 -16.73 -29.26
CA GLY C 197 -39.22 -15.34 -28.92
C GLY C 197 -39.67 -15.16 -27.49
N ILE C 198 -39.68 -13.91 -27.06
CA ILE C 198 -40.00 -13.53 -25.69
C ILE C 198 -41.40 -12.95 -25.65
N VAL C 199 -42.21 -13.44 -24.73
CA VAL C 199 -43.58 -12.96 -24.54
C VAL C 199 -43.74 -12.50 -23.11
N VAL C 200 -44.35 -11.33 -22.92
CA VAL C 200 -44.55 -10.72 -21.61
C VAL C 200 -45.96 -10.15 -21.55
N PRO C 201 -46.53 -10.06 -20.36
CA PRO C 201 -47.82 -9.39 -20.18
C PRO C 201 -47.62 -7.87 -20.08
N ALA C 202 -48.72 -7.18 -19.80
CA ALA C 202 -48.65 -5.74 -19.64
C ALA C 202 -48.15 -5.36 -18.25
N GLY C 203 -47.42 -4.26 -18.18
CA GLY C 203 -46.92 -3.75 -16.92
C GLY C 203 -45.51 -4.14 -16.57
N THR C 204 -44.74 -4.67 -17.51
CA THR C 204 -43.37 -5.05 -17.29
C THR C 204 -42.44 -4.17 -18.12
N PRO C 205 -41.14 -4.16 -17.82
CA PRO C 205 -40.20 -3.47 -18.70
C PRO C 205 -40.07 -4.18 -20.03
N THR C 206 -39.57 -3.46 -21.03
CA THR C 206 -39.45 -4.01 -22.37
C THR C 206 -38.27 -4.97 -22.53
N SER C 207 -37.07 -4.56 -22.15
CA SER C 207 -35.86 -5.31 -22.45
C SER C 207 -35.50 -6.21 -21.29
N CYS C 208 -34.75 -7.26 -21.58
CA CYS C 208 -34.28 -8.21 -20.59
C CYS C 208 -32.81 -8.50 -20.90
N SER C 209 -32.12 -9.20 -20.01
CA SER C 209 -30.70 -9.45 -20.20
C SER C 209 -30.39 -10.91 -19.94
N ILE C 210 -29.30 -11.38 -20.55
CA ILE C 210 -28.79 -12.72 -20.34
C ILE C 210 -27.31 -12.59 -19.99
N MET C 211 -26.84 -13.41 -19.05
CA MET C 211 -25.43 -13.39 -18.67
C MET C 211 -24.80 -14.76 -18.88
N CYS C 212 -23.49 -14.75 -19.10
CA CYS C 212 -22.71 -15.94 -19.43
C CYS C 212 -21.61 -16.17 -18.40
N PHE C 213 -21.39 -17.43 -18.06
CA PHE C 213 -20.33 -17.87 -17.17
C PHE C 213 -19.53 -18.93 -17.90
N VAL C 214 -18.24 -19.01 -17.62
CA VAL C 214 -17.36 -19.99 -18.28
C VAL C 214 -16.54 -20.73 -17.23
N SER C 215 -16.39 -22.04 -17.41
CA SER C 215 -15.51 -22.79 -16.54
C SER C 215 -15.02 -24.04 -17.27
N ALA C 216 -14.15 -24.77 -16.61
CA ALA C 216 -13.53 -25.96 -17.17
C ALA C 216 -14.14 -27.22 -16.57
N CYS C 217 -13.98 -28.33 -17.28
CA CYS C 217 -14.52 -29.59 -16.83
C CYS C 217 -13.45 -30.38 -16.08
N ASN C 218 -13.75 -31.63 -15.74
CA ASN C 218 -12.85 -32.44 -14.93
C ASN C 218 -11.86 -33.23 -15.77
N ASP C 219 -11.81 -33.00 -17.08
CA ASP C 219 -10.82 -33.63 -17.94
C ASP C 219 -9.90 -32.61 -18.60
N PHE C 220 -9.78 -31.43 -18.00
CA PHE C 220 -9.00 -30.32 -18.53
C PHE C 220 -7.57 -30.36 -17.99
N SER C 221 -6.61 -29.97 -18.83
CA SER C 221 -5.23 -29.90 -18.38
C SER C 221 -4.46 -28.92 -19.25
N VAL C 222 -3.32 -28.46 -18.71
CA VAL C 222 -2.43 -27.51 -19.36
C VAL C 222 -1.00 -28.03 -19.21
N ARG C 223 -0.09 -27.46 -20.02
CA ARG C 223 1.33 -27.76 -19.85
C ARG C 223 2.19 -26.74 -20.58
N LEU C 224 3.50 -26.85 -20.32
CA LEU C 224 4.57 -25.99 -20.82
C LEU C 224 4.52 -24.54 -20.34
N LEU C 225 4.89 -24.33 -19.06
CA LEU C 225 4.97 -23.00 -18.46
C LEU C 225 5.61 -21.97 -19.39
N LYS C 226 5.11 -20.75 -19.31
CA LYS C 226 5.69 -19.62 -20.01
C LYS C 226 5.39 -18.36 -19.19
N ASP C 227 5.67 -17.20 -19.76
CA ASP C 227 5.42 -15.95 -19.07
C ASP C 227 4.12 -15.31 -19.57
N THR C 228 3.52 -14.49 -18.71
CA THR C 228 2.27 -13.93 -19.17
C THR C 228 2.49 -12.58 -19.84
N PRO C 229 1.78 -12.26 -20.91
CA PRO C 229 2.01 -11.02 -21.64
C PRO C 229 1.21 -9.82 -21.15
N PHE C 230 0.57 -9.91 -19.99
CA PHE C 230 -0.36 -8.88 -19.56
C PHE C 230 0.25 -7.85 -18.63
N ILE C 231 1.18 -8.24 -17.77
CA ILE C 231 1.82 -7.32 -16.84
C ILE C 231 3.19 -6.94 -17.41
N GLU C 232 3.58 -5.69 -17.15
CA GLU C 232 4.84 -5.19 -17.68
C GLU C 232 5.21 -3.90 -16.97
N GLN C 233 6.51 -3.67 -16.82
CA GLN C 233 7.02 -2.48 -16.18
C GLN C 233 8.10 -1.87 -17.06
N SER C 234 8.40 -0.59 -16.80
CA SER C 234 9.45 0.11 -17.54
C SER C 234 10.74 0.26 -16.75
N ALA C 235 10.66 0.33 -15.42
CA ALA C 235 11.84 0.47 -14.59
C ALA C 235 11.60 -0.30 -13.29
N LEU C 236 12.61 -0.32 -12.43
CA LEU C 236 12.46 -0.93 -11.12
C LEU C 236 11.56 -0.04 -10.25
N LEU C 237 11.31 -0.49 -9.02
CA LEU C 237 10.48 0.23 -8.06
C LEU C 237 9.07 0.42 -8.63
N GLN C 238 8.45 -0.71 -8.91
CA GLN C 238 7.09 -0.73 -9.43
C GLN C 238 6.53 -2.11 -9.18
N MET D 1 22.80 -46.56 3.08
CA MET D 1 23.36 -45.31 3.58
C MET D 1 22.29 -44.25 3.68
N GLY D 2 21.05 -44.68 3.84
CA GLY D 2 19.94 -43.75 3.87
C GLY D 2 19.64 -43.18 2.50
N ALA D 3 19.59 -44.03 1.48
CA ALA D 3 19.30 -43.61 0.12
C ALA D 3 17.83 -43.89 -0.19
N GLN D 4 17.22 -42.96 -0.91
CA GLN D 4 15.83 -43.13 -1.34
C GLN D 4 15.79 -43.38 -2.83
N VAL D 5 15.10 -44.44 -3.22
CA VAL D 5 14.96 -44.83 -4.62
C VAL D 5 13.49 -44.64 -5.00
N SER D 6 13.25 -43.84 -6.03
CA SER D 6 11.87 -43.58 -6.43
C SER D 6 11.78 -43.43 -7.94
N THR D 7 10.58 -43.65 -8.47
CA THR D 7 10.35 -43.73 -9.91
C THR D 7 10.49 -42.35 -10.57
N GLN D 8 10.76 -42.39 -11.87
CA GLN D 8 10.94 -41.19 -12.67
C GLN D 8 9.67 -40.85 -13.44
N LYS D 9 9.62 -39.62 -13.94
CA LYS D 9 8.47 -39.14 -14.69
C LYS D 9 8.57 -39.63 -16.13
N THR D 10 7.75 -40.63 -16.47
CA THR D 10 7.73 -41.18 -17.83
C THR D 10 6.37 -40.98 -18.46
N GLY D 11 6.14 -41.57 -19.63
CA GLY D 11 4.87 -41.51 -20.31
C GLY D 11 4.12 -42.82 -20.24
N ALA D 12 3.00 -42.86 -20.96
CA ALA D 12 2.22 -44.08 -21.09
C ALA D 12 1.70 -44.22 -22.52
N HIS D 13 0.99 -45.31 -22.80
CA HIS D 13 0.40 -45.54 -24.11
C HIS D 13 -0.56 -46.73 -24.12
N ILE D 25 16.09 -48.43 -13.62
CA ILE D 25 15.86 -48.25 -15.04
C ILE D 25 14.83 -47.15 -15.24
N ILE D 26 13.87 -47.07 -14.33
CA ILE D 26 12.86 -46.03 -14.38
C ILE D 26 12.76 -45.40 -13.00
N HIS D 27 13.81 -45.54 -12.20
CA HIS D 27 13.88 -44.90 -10.90
C HIS D 27 15.26 -44.31 -10.70
N TYR D 28 15.31 -43.27 -9.89
CA TYR D 28 16.52 -42.56 -9.53
C TYR D 28 16.75 -42.67 -8.03
N THR D 29 17.95 -42.27 -7.62
CA THR D 29 18.45 -42.41 -6.26
C THR D 29 18.79 -41.04 -5.69
N ASN D 30 18.55 -40.87 -4.40
CA ASN D 30 18.79 -39.61 -3.72
C ASN D 30 19.42 -39.84 -2.36
N ILE D 31 20.35 -38.95 -1.99
CA ILE D 31 21.02 -38.91 -0.69
C ILE D 31 20.96 -37.48 -0.18
N ASN D 32 20.76 -37.32 1.13
CA ASN D 32 20.76 -35.99 1.73
C ASN D 32 22.09 -35.75 2.44
N TYR D 33 22.70 -34.59 2.19
CA TYR D 33 24.02 -34.31 2.73
C TYR D 33 24.04 -33.30 3.87
N TYR D 34 22.96 -32.56 4.08
CA TYR D 34 22.96 -31.48 5.06
C TYR D 34 22.01 -31.77 6.20
N LYS D 35 22.23 -31.08 7.32
CA LYS D 35 21.48 -31.33 8.54
C LYS D 35 20.13 -30.62 8.59
N ASP D 36 19.93 -29.61 7.75
CA ASP D 36 18.72 -28.79 7.77
C ASP D 36 17.78 -29.20 6.65
N ALA D 37 16.53 -29.47 6.99
CA ALA D 37 15.55 -29.82 5.97
C ALA D 37 15.25 -28.67 5.03
N ALA D 38 15.62 -27.45 5.39
CA ALA D 38 15.45 -26.32 4.47
C ALA D 38 16.45 -26.35 3.34
N SER D 39 17.34 -27.34 3.31
CA SER D 39 18.39 -27.39 2.30
C SER D 39 18.18 -28.52 1.30
N ASN D 40 17.17 -29.36 1.49
CA ASN D 40 16.85 -30.39 0.52
C ASN D 40 16.36 -29.76 -0.78
N SER D 41 16.11 -30.61 -1.76
CA SER D 41 15.60 -30.15 -3.04
C SER D 41 14.07 -30.11 -3.02
N ALA D 42 13.49 -29.51 -4.05
CA ALA D 42 12.06 -29.25 -4.10
C ALA D 42 11.25 -30.53 -4.09
N ASN D 43 10.04 -30.45 -3.53
CA ASN D 43 9.16 -31.60 -3.38
C ASN D 43 8.17 -31.65 -4.55
N ARG D 44 8.72 -31.77 -5.75
CA ARG D 44 7.95 -31.55 -6.96
C ARG D 44 7.35 -32.82 -7.54
N GLN D 45 7.00 -33.79 -6.70
CA GLN D 45 6.31 -34.98 -7.17
C GLN D 45 5.10 -35.32 -6.31
N ASP D 46 4.44 -34.31 -5.74
CA ASP D 46 3.27 -34.51 -4.90
C ASP D 46 2.04 -34.00 -5.63
N PHE D 47 1.09 -34.89 -5.89
CA PHE D 47 -0.08 -34.57 -6.70
C PHE D 47 -1.34 -34.99 -5.95
N SER D 48 -2.21 -34.03 -5.68
CA SER D 48 -3.49 -34.30 -5.04
C SER D 48 -4.43 -33.14 -5.30
N GLN D 49 -5.67 -33.44 -5.65
CA GLN D 49 -6.69 -32.44 -5.90
C GLN D 49 -7.66 -32.39 -4.74
N ASP D 50 -8.43 -31.31 -4.67
CA ASP D 50 -9.62 -31.24 -3.82
C ASP D 50 -10.48 -30.08 -4.32
N PRO D 51 -11.19 -30.28 -5.42
CA PRO D 51 -11.89 -29.17 -6.07
C PRO D 51 -13.18 -28.76 -5.39
N GLY D 52 -13.91 -29.73 -4.82
CA GLY D 52 -15.20 -29.45 -4.23
C GLY D 52 -15.17 -28.36 -3.17
N LYS D 53 -13.99 -28.08 -2.62
CA LYS D 53 -13.84 -27.02 -1.63
C LYS D 53 -14.20 -25.66 -2.20
N PHE D 54 -13.92 -25.42 -3.48
CA PHE D 54 -14.18 -24.13 -4.10
C PHE D 54 -15.34 -24.13 -5.08
N THR D 55 -15.74 -25.30 -5.59
CA THR D 55 -16.73 -25.35 -6.65
C THR D 55 -18.12 -25.74 -6.17
N GLU D 56 -18.24 -26.31 -4.99
CA GLU D 56 -19.54 -26.69 -4.43
C GLU D 56 -19.50 -26.62 -2.90
N PRO D 57 -19.31 -25.43 -2.33
CA PRO D 57 -19.30 -25.27 -0.87
C PRO D 57 -20.67 -24.98 -0.28
N VAL D 58 -21.61 -25.88 -0.50
CA VAL D 58 -23.00 -25.69 -0.06
C VAL D 58 -23.29 -26.65 1.07
N LYS D 59 -24.29 -26.30 1.88
CA LYS D 59 -24.61 -27.08 3.06
C LYS D 59 -25.43 -28.32 2.70
N ASP D 60 -26.36 -28.19 1.76
CA ASP D 60 -27.16 -29.32 1.30
C ASP D 60 -26.63 -29.82 -0.02
N ILE D 61 -26.62 -31.14 -0.19
CA ILE D 61 -26.00 -31.77 -1.35
C ILE D 61 -26.91 -31.64 -2.56
N MET D 62 -26.31 -31.32 -3.70
CA MET D 62 -27.00 -31.25 -4.99
C MET D 62 -26.57 -32.44 -5.84
N VAL D 63 -27.52 -33.07 -6.53
CA VAL D 63 -27.28 -34.40 -7.08
C VAL D 63 -27.19 -34.45 -8.60
N LYS D 64 -27.22 -33.30 -9.28
CA LYS D 64 -26.81 -33.20 -10.68
C LYS D 64 -27.80 -33.78 -11.68
N SER D 65 -28.80 -34.51 -11.21
CA SER D 65 -29.85 -34.94 -12.12
C SER D 65 -31.22 -34.47 -11.67
N LEU D 66 -31.32 -33.95 -10.46
CA LEU D 66 -32.55 -33.36 -9.96
C LEU D 66 -32.54 -31.86 -10.22
N PRO D 67 -33.70 -31.23 -10.23
CA PRO D 67 -33.73 -29.77 -10.30
C PRO D 67 -33.00 -29.16 -9.11
N ALA D 68 -32.36 -28.01 -9.35
CA ALA D 68 -31.61 -27.34 -8.30
C ALA D 68 -32.52 -26.88 -7.17
N LEU D 69 -33.67 -26.29 -7.50
CA LEU D 69 -34.63 -25.84 -6.52
C LEU D 69 -35.84 -26.76 -6.56
N ASN D 70 -36.68 -26.62 -5.53
CA ASN D 70 -37.86 -27.48 -5.33
C ASN D 70 -37.46 -28.94 -5.11
N LEU E 1 29.73 27.42 20.92
CA LEU E 1 29.74 27.52 19.47
C LEU E 1 29.15 26.27 18.82
N SER E 2 28.34 26.47 17.79
CA SER E 2 27.72 25.34 17.11
C SER E 2 27.21 25.80 15.75
N LEU E 3 27.12 24.85 14.82
CA LEU E 3 26.60 25.09 13.48
C LEU E 3 25.27 24.37 13.35
N LEU E 4 24.20 25.12 13.06
CA LEU E 4 22.87 24.55 12.99
C LEU E 4 22.07 25.16 11.84
N TYR E 5 21.01 24.44 11.47
CA TYR E 5 20.19 24.74 10.31
C TYR E 5 18.72 24.63 10.71
N HIS E 6 17.95 25.67 10.38
CA HIS E 6 16.51 25.70 10.58
C HIS E 6 15.83 25.45 9.24
N LEU E 7 15.02 24.40 9.17
CA LEU E 7 14.31 24.04 7.96
C LEU E 7 12.81 24.15 8.20
N THR E 8 12.08 24.71 7.25
CA THR E 8 10.65 24.90 7.42
C THR E 8 9.93 24.58 6.12
N ALA E 9 8.87 23.78 6.21
CA ALA E 9 8.02 23.47 5.07
C ALA E 9 6.56 23.65 5.46
N VAL E 10 5.81 24.31 4.59
CA VAL E 10 4.39 24.60 4.81
C VAL E 10 3.58 23.78 3.82
N SER E 11 2.36 23.44 4.20
CA SER E 11 1.50 22.59 3.39
C SER E 11 0.81 23.34 2.26
N SER E 12 0.19 24.48 2.57
CA SER E 12 -0.57 25.27 1.59
C SER E 12 0.01 26.68 1.56
N PRO E 13 0.95 26.96 0.65
CA PRO E 13 1.55 28.28 0.61
C PRO E 13 0.65 29.30 -0.08
N ALA E 14 0.81 30.55 0.34
CA ALA E 14 0.07 31.65 -0.28
C ALA E 14 0.68 31.99 -1.64
N PRO E 15 -0.01 32.78 -2.45
CA PRO E 15 0.60 33.23 -3.71
C PRO E 15 1.84 34.10 -3.45
N GLY E 16 2.92 33.77 -4.15
CA GLY E 16 4.18 34.45 -3.95
C GLY E 16 4.97 33.98 -2.75
N THR E 17 4.49 32.96 -2.05
CA THR E 17 5.14 32.43 -0.85
C THR E 17 5.88 31.15 -1.18
N PRO E 18 7.11 30.99 -0.71
CA PRO E 18 7.80 29.71 -0.89
C PRO E 18 7.14 28.62 -0.07
N ALA E 19 7.28 27.38 -0.54
CA ALA E 19 6.77 26.24 0.18
C ALA E 19 7.80 25.61 1.10
N PHE E 20 9.04 26.13 1.10
CA PHE E 20 10.13 25.52 1.87
C PHE E 20 11.26 26.53 1.95
N TRP E 21 11.80 26.74 3.14
CA TRP E 21 12.91 27.67 3.30
C TRP E 21 13.79 27.26 4.46
N VAL E 22 15.08 27.57 4.33
CA VAL E 22 16.10 27.17 5.28
C VAL E 22 16.92 28.38 5.69
N SER E 23 17.34 28.41 6.95
CA SER E 23 18.26 29.40 7.47
C SER E 23 19.43 28.68 8.14
N GLY E 24 20.58 29.33 8.17
CA GLY E 24 21.78 28.75 8.75
C GLY E 24 22.41 29.68 9.77
N TRP E 25 22.64 29.14 10.97
CA TRP E 25 23.21 29.91 12.07
C TRP E 25 24.42 29.18 12.62
N LEU E 26 25.55 29.88 12.68
CA LEU E 26 26.75 29.33 13.30
C LEU E 26 27.09 30.26 14.46
N GLY E 27 27.27 29.67 15.64
CA GLY E 27 27.37 30.45 16.85
C GLY E 27 26.05 31.11 17.14
N PRO E 28 26.09 32.35 17.64
CA PRO E 28 24.86 33.07 17.95
C PRO E 28 24.30 33.91 16.81
N GLN E 29 24.72 33.72 15.56
CA GLN E 29 24.14 34.52 14.48
C GLN E 29 24.16 33.76 13.17
N GLN E 30 23.46 34.34 12.20
CA GLN E 30 23.12 33.72 10.92
C GLN E 30 24.12 34.09 9.85
N TYR E 31 24.34 33.19 8.90
CA TYR E 31 25.21 33.44 7.76
C TYR E 31 24.63 33.04 6.41
N LEU E 32 23.50 32.35 6.39
CA LEU E 32 22.93 31.83 5.15
C LEU E 32 21.49 32.29 4.99
N SER E 33 21.00 32.25 3.75
CA SER E 33 19.59 32.46 3.46
C SER E 33 19.25 31.69 2.20
N TYR E 34 18.12 31.00 2.20
CA TYR E 34 17.75 30.14 1.09
C TYR E 34 16.25 29.89 1.14
N ASN E 35 15.66 29.66 -0.03
CA ASN E 35 14.26 29.28 -0.12
C ASN E 35 14.08 28.37 -1.32
N SER E 36 12.82 28.15 -1.70
CA SER E 36 12.49 27.20 -2.76
C SER E 36 12.05 27.87 -4.05
N LEU E 37 11.89 29.19 -4.06
CA LEU E 37 11.45 29.88 -5.27
C LEU E 37 12.58 30.21 -6.23
N ARG E 38 13.83 30.29 -5.75
CA ARG E 38 14.97 30.54 -6.62
C ARG E 38 15.79 29.28 -6.86
N GLY E 39 16.17 28.57 -5.81
CA GLY E 39 16.81 27.28 -5.96
C GLY E 39 18.32 27.23 -5.73
N GLU E 40 18.89 28.20 -5.01
CA GLU E 40 20.29 28.12 -4.63
C GLU E 40 20.54 29.03 -3.43
N ALA E 41 21.58 28.71 -2.67
CA ALA E 41 21.84 29.38 -1.41
C ALA E 41 22.54 30.71 -1.63
N GLU E 42 22.52 31.56 -0.60
CA GLU E 42 23.13 32.88 -0.60
C GLU E 42 24.03 33.05 0.61
N PRO E 43 24.96 34.01 0.57
CA PRO E 43 25.73 34.33 1.77
C PRO E 43 25.05 35.41 2.60
N CYS E 44 25.73 35.80 3.68
CA CYS E 44 25.33 36.96 4.46
C CYS E 44 26.18 38.19 4.16
N GLY E 45 27.43 38.00 3.76
CA GLY E 45 28.26 39.08 3.27
C GLY E 45 29.33 39.59 4.22
N ALA E 46 29.27 39.23 5.50
CA ALA E 46 30.22 39.74 6.48
C ALA E 46 30.94 38.62 7.21
N TRP E 47 31.02 37.45 6.60
CA TRP E 47 31.58 36.27 7.25
C TRP E 47 32.89 35.81 6.63
N VAL E 48 32.91 35.52 5.34
CA VAL E 48 34.11 35.02 4.68
C VAL E 48 34.67 36.01 3.68
N TRP E 49 33.85 36.92 3.16
CA TRP E 49 34.19 37.88 2.11
C TRP E 49 34.89 37.21 0.93
N GLU E 50 34.64 35.91 0.75
CA GLU E 50 35.22 35.15 -0.34
C GLU E 50 34.10 34.40 -1.05
N ASN E 51 33.86 34.76 -2.31
CA ASN E 51 32.88 34.06 -3.13
C ASN E 51 33.50 32.73 -3.57
N GLN E 52 33.21 31.68 -2.81
CA GLN E 52 33.76 30.35 -3.07
C GLN E 52 33.29 29.92 -4.46
N VAL E 53 34.20 29.36 -5.24
CA VAL E 53 33.89 29.10 -6.65
C VAL E 53 33.08 27.81 -6.77
N SER E 54 31.77 27.93 -6.54
CA SER E 54 30.80 26.85 -6.74
C SER E 54 31.17 25.57 -6.00
N TRP E 55 32.08 25.66 -5.01
CA TRP E 55 32.60 24.47 -4.35
C TRP E 55 32.29 24.43 -2.87
N TYR E 56 31.99 25.56 -2.25
CA TYR E 56 31.51 25.62 -0.88
C TYR E 56 30.10 26.16 -0.78
N TRP E 57 29.66 26.94 -1.78
CA TRP E 57 28.32 27.49 -1.80
C TRP E 57 27.34 26.68 -2.64
N GLU E 58 27.81 25.68 -3.38
CA GLU E 58 26.88 24.84 -4.13
C GLU E 58 26.70 23.45 -3.53
N LYS E 59 27.66 22.95 -2.76
CA LYS E 59 27.37 21.82 -1.89
C LYS E 59 26.17 22.11 -1.02
N GLU E 60 26.09 23.36 -0.52
CA GLU E 60 24.90 23.87 0.14
C GLU E 60 23.65 23.64 -0.69
N THR E 61 23.61 24.17 -1.91
CA THR E 61 22.47 23.92 -2.79
C THR E 61 22.30 22.43 -3.05
N THR E 62 23.41 21.72 -3.22
CA THR E 62 23.39 20.30 -3.50
C THR E 62 22.60 19.50 -2.48
N ASP E 63 22.79 19.72 -1.17
CA ASP E 63 22.02 18.93 -0.22
C ASP E 63 20.73 19.63 0.18
N LEU E 64 20.65 20.95 0.04
CA LEU E 64 19.39 21.62 0.33
C LEU E 64 18.30 21.26 -0.66
N ARG E 65 18.64 20.97 -1.91
CA ARG E 65 17.62 20.47 -2.83
C ARG E 65 17.09 19.12 -2.39
N ILE E 66 17.96 18.22 -1.94
CA ILE E 66 17.52 16.92 -1.44
C ILE E 66 16.60 17.08 -0.26
N LYS E 67 16.99 17.92 0.71
CA LYS E 67 16.14 18.09 1.88
C LYS E 67 14.82 18.77 1.53
N GLU E 68 14.85 19.70 0.57
CA GLU E 68 13.61 20.29 0.08
C GLU E 68 12.67 19.23 -0.45
N LYS E 69 13.16 18.34 -1.31
CA LYS E 69 12.25 17.36 -1.89
C LYS E 69 11.76 16.36 -0.86
N LEU E 70 12.62 15.97 0.10
CA LEU E 70 12.14 15.11 1.18
C LEU E 70 11.02 15.78 1.97
N PHE E 71 11.21 17.04 2.34
CA PHE E 71 10.20 17.73 3.13
C PHE E 71 8.90 17.89 2.36
N LEU E 72 8.96 18.27 1.09
CA LEU E 72 7.73 18.42 0.33
C LEU E 72 7.06 17.08 0.05
N GLU E 73 7.82 15.99 0.06
CA GLU E 73 7.22 14.68 -0.11
C GLU E 73 6.60 14.16 1.18
N ALA E 74 7.09 14.61 2.34
CA ALA E 74 6.58 14.10 3.61
C ALA E 74 5.09 14.29 3.75
N PHE E 75 4.54 15.38 3.21
CA PHE E 75 3.12 15.66 3.39
C PHE E 75 2.22 14.63 2.72
N LYS E 76 2.71 13.92 1.71
CA LYS E 76 1.91 12.93 1.01
C LYS E 76 1.94 11.56 1.70
N ALA E 77 2.38 11.50 2.95
CA ALA E 77 2.25 10.30 3.75
C ALA E 77 1.14 10.41 4.79
N LEU E 78 0.70 11.62 5.09
CA LEU E 78 -0.39 11.86 6.03
C LEU E 78 -1.71 11.88 5.27
N GLY E 79 -2.69 11.12 5.77
CA GLY E 79 -3.98 11.05 5.11
C GLY E 79 -4.93 12.15 5.56
N GLY E 80 -4.55 12.88 6.60
CA GLY E 80 -5.38 13.92 7.15
C GLY E 80 -5.65 15.04 6.16
N LYS E 81 -6.52 15.95 6.58
CA LYS E 81 -6.97 17.05 5.74
C LYS E 81 -6.37 18.39 6.14
N GLY E 82 -6.19 18.62 7.43
CA GLY E 82 -5.79 19.91 7.94
C GLY E 82 -4.46 20.38 7.38
N PRO E 83 -4.27 21.69 7.29
CA PRO E 83 -2.99 22.22 6.85
C PRO E 83 -1.91 21.93 7.88
N TYR E 84 -0.74 21.56 7.37
CA TYR E 84 0.36 21.08 8.20
C TYR E 84 1.50 22.08 8.15
N THR E 85 2.52 21.81 8.96
CA THR E 85 3.74 22.60 8.98
C THR E 85 4.82 21.75 9.63
N LEU E 86 5.88 21.46 8.88
CA LEU E 86 6.96 20.61 9.35
C LEU E 86 8.20 21.47 9.57
N GLN E 87 8.82 21.32 10.72
CA GLN E 87 10.03 22.07 11.04
C GLN E 87 11.15 21.11 11.41
N GLY E 88 12.38 21.51 11.10
CA GLY E 88 13.53 20.69 11.39
C GLY E 88 14.66 21.53 11.93
N LEU E 89 15.38 20.94 12.88
CA LEU E 89 16.55 21.57 13.50
C LEU E 89 17.70 20.56 13.39
N LEU E 90 18.71 20.91 12.59
CA LEU E 90 19.85 20.03 12.37
C LEU E 90 21.15 20.74 12.71
N GLY E 91 22.21 19.98 12.89
CA GLY E 91 23.52 20.57 13.05
C GLY E 91 24.38 19.77 14.01
N CYS E 92 25.46 20.42 14.44
CA CYS E 92 26.41 19.79 15.35
C CYS E 92 27.25 20.84 16.04
N GLU E 93 27.89 20.44 17.13
CA GLU E 93 28.74 21.32 17.92
C GLU E 93 30.00 20.59 18.35
N LEU E 94 31.03 21.36 18.73
CA LEU E 94 32.36 20.84 19.00
C LEU E 94 32.48 20.20 20.37
N GLY E 95 33.40 19.26 20.49
CA GLY E 95 33.75 18.70 21.78
C GLY E 95 34.85 19.50 22.46
N PRO E 96 35.60 18.85 23.35
CA PRO E 96 36.72 19.54 24.01
C PRO E 96 37.81 19.94 23.03
N ASP E 97 38.33 18.96 22.29
CA ASP E 97 39.31 19.19 21.25
C ASP E 97 38.86 18.50 19.97
N ASN E 98 38.10 17.42 20.14
CA ASN E 98 37.55 16.65 19.03
C ASN E 98 36.22 16.07 19.52
N THR E 99 35.73 15.05 18.82
CA THR E 99 34.52 14.32 19.21
C THR E 99 33.30 15.26 19.24
N SER E 100 32.93 15.70 18.05
CA SER E 100 31.74 16.54 17.92
C SER E 100 30.49 15.79 18.40
N VAL E 101 29.44 16.56 18.67
CA VAL E 101 28.14 16.02 19.07
C VAL E 101 27.09 16.56 18.11
N PRO E 102 26.31 15.71 17.46
CA PRO E 102 25.31 16.17 16.49
C PRO E 102 23.94 16.36 17.13
N THR E 103 23.01 16.85 16.29
CA THR E 103 21.62 17.04 16.67
C THR E 103 20.75 17.08 15.42
N ALA E 104 19.63 16.36 15.46
CA ALA E 104 18.70 16.31 14.33
C ALA E 104 17.31 15.96 14.87
N LYS E 105 16.47 16.97 15.01
CA LYS E 105 15.12 16.78 15.56
C LYS E 105 14.10 17.50 14.70
N PHE E 106 12.84 17.04 14.76
CA PHE E 106 11.80 17.55 13.88
C PHE E 106 10.52 17.75 14.68
N ALA E 107 9.71 18.71 14.23
CA ALA E 107 8.49 19.08 14.92
C ALA E 107 7.35 19.22 13.93
N LEU E 108 6.17 18.78 14.35
CA LEU E 108 4.98 18.82 13.53
C LEU E 108 3.92 19.68 14.21
N ASN E 109 3.59 20.81 13.60
CA ASN E 109 2.60 21.75 14.14
C ASN E 109 3.02 22.26 15.51
N GLY E 110 4.34 22.36 15.72
CA GLY E 110 4.85 22.87 16.98
C GLY E 110 5.09 21.84 18.04
N GLU E 111 5.15 20.57 17.70
CA GLU E 111 5.33 19.51 18.67
C GLU E 111 6.47 18.62 18.24
N GLU E 112 7.49 18.51 19.08
CA GLU E 112 8.62 17.64 18.80
C GLU E 112 8.14 16.20 18.78
N PHE E 113 8.22 15.56 17.61
CA PHE E 113 7.63 14.24 17.46
C PHE E 113 8.58 13.18 16.93
N MET E 114 9.73 13.54 16.36
CA MET E 114 10.68 12.52 15.94
C MET E 114 12.08 13.13 15.82
N ASN E 115 13.08 12.26 15.83
CA ASN E 115 14.46 12.68 15.75
C ASN E 115 15.26 11.59 15.04
N PHE E 116 16.53 11.85 14.79
CA PHE E 116 17.39 10.91 14.07
C PHE E 116 18.22 10.09 15.04
N ASP E 117 18.26 8.78 14.82
CA ASP E 117 19.03 7.83 15.61
C ASP E 117 20.20 7.33 14.78
N LEU E 118 21.40 7.44 15.33
CA LEU E 118 22.62 7.27 14.53
C LEU E 118 23.04 5.81 14.43
N LYS E 119 22.89 5.03 15.50
CA LYS E 119 23.39 3.66 15.49
C LYS E 119 22.68 2.78 14.46
N GLN E 120 21.49 3.15 14.03
CA GLN E 120 20.85 2.49 12.91
C GLN E 120 20.48 3.42 11.78
N GLY E 121 20.85 4.70 11.86
CA GLY E 121 20.56 5.67 10.83
C GLY E 121 19.09 5.72 10.46
N THR E 122 18.23 5.99 11.43
CA THR E 122 16.79 5.96 11.19
C THR E 122 16.12 7.12 11.89
N TRP E 123 15.13 7.72 11.25
CA TRP E 123 14.26 8.63 11.96
C TRP E 123 13.28 7.84 12.79
N GLY E 124 12.93 8.39 13.95
CA GLY E 124 12.09 7.66 14.87
C GLY E 124 11.34 8.53 15.85
N GLY E 125 10.21 8.03 16.33
CA GLY E 125 9.35 8.76 17.25
C GLY E 125 8.26 7.85 17.76
N ASP E 126 7.27 8.45 18.42
CA ASP E 126 6.22 7.70 19.09
C ASP E 126 4.86 7.80 18.42
N TRP E 127 4.55 8.94 17.82
CA TRP E 127 3.24 9.14 17.22
C TRP E 127 3.09 8.29 15.97
N PRO E 128 1.86 8.09 15.50
CA PRO E 128 1.68 7.41 14.21
C PRO E 128 2.21 8.21 13.03
N GLU E 129 2.11 9.54 13.07
CA GLU E 129 2.67 10.36 12.01
C GLU E 129 4.17 10.21 11.93
N ALA E 130 4.84 10.05 13.08
CA ALA E 130 6.27 9.82 13.07
C ALA E 130 6.62 8.56 12.28
N LEU E 131 5.91 7.46 12.53
CA LEU E 131 6.17 6.24 11.80
C LEU E 131 5.86 6.39 10.31
N ALA E 132 4.75 7.03 9.98
CA ALA E 132 4.42 7.22 8.56
C ALA E 132 5.52 8.00 7.84
N ILE E 133 5.90 9.15 8.38
CA ILE E 133 6.88 9.99 7.71
C ILE E 133 8.25 9.30 7.68
N SER E 134 8.60 8.58 8.75
CA SER E 134 9.87 7.87 8.76
C SER E 134 9.91 6.78 7.69
N GLN E 135 8.85 5.98 7.59
CA GLN E 135 8.79 4.95 6.56
C GLN E 135 8.93 5.54 5.17
N ARG E 136 8.15 6.58 4.87
CA ARG E 136 8.26 7.18 3.54
C ARG E 136 9.63 7.76 3.27
N TRP E 137 10.24 8.40 4.27
CA TRP E 137 11.53 9.02 4.05
C TRP E 137 12.61 7.98 3.80
N GLN E 138 12.60 6.88 4.56
CA GLN E 138 13.65 5.90 4.38
C GLN E 138 13.38 4.94 3.24
N GLN E 139 12.20 4.98 2.63
CA GLN E 139 12.00 4.16 1.44
C GLN E 139 12.64 4.77 0.19
N GLN E 140 13.21 5.98 0.28
CA GLN E 140 13.92 6.54 -0.88
C GLN E 140 15.33 6.01 -1.03
N ASP E 141 15.67 4.96 -0.28
CA ASP E 141 16.72 3.96 -0.59
C ASP E 141 18.14 4.51 -0.47
N LYS E 142 18.29 5.81 -0.23
CA LYS E 142 19.61 6.40 0.02
C LYS E 142 19.61 7.48 1.09
N ALA E 143 18.46 7.94 1.57
CA ALA E 143 18.42 9.14 2.40
C ALA E 143 19.07 8.95 3.75
N ALA E 144 19.00 7.75 4.33
CA ALA E 144 19.58 7.53 5.65
C ALA E 144 21.09 7.72 5.62
N ASN E 145 21.77 7.12 4.65
CA ASN E 145 23.21 7.27 4.55
C ASN E 145 23.61 8.69 4.17
N LYS E 146 22.83 9.35 3.33
CA LYS E 146 23.17 10.72 2.96
C LYS E 146 22.99 11.67 4.14
N GLU E 147 22.04 11.38 5.03
CA GLU E 147 21.87 12.20 6.23
C GLU E 147 22.93 11.89 7.28
N LEU E 148 23.27 10.62 7.44
CA LEU E 148 24.26 10.24 8.46
C LEU E 148 25.64 10.79 8.15
N THR E 149 25.99 10.92 6.87
CA THR E 149 27.22 11.59 6.48
C THR E 149 27.17 13.08 6.76
N PHE E 150 25.99 13.69 6.69
CA PHE E 150 25.87 15.11 6.96
C PHE E 150 26.05 15.43 8.44
N LEU E 151 25.84 14.45 9.32
CA LEU E 151 25.90 14.68 10.75
C LEU E 151 27.21 14.23 11.37
N LEU E 152 28.04 13.47 10.66
CA LEU E 152 29.28 12.96 11.22
C LEU E 152 30.53 13.32 10.42
N PHE E 153 30.39 13.66 9.14
CA PHE E 153 31.57 13.91 8.33
C PHE E 153 31.48 15.17 7.47
N SER E 154 30.39 15.93 7.53
CA SER E 154 30.29 17.18 6.81
C SER E 154 30.15 18.38 7.73
N CYS E 155 29.23 18.32 8.69
CA CYS E 155 29.03 19.45 9.61
C CYS E 155 30.24 19.65 10.53
N PRO E 156 30.83 18.61 11.13
CA PRO E 156 32.09 18.83 11.85
C PRO E 156 33.22 19.34 10.96
N HIS E 157 33.30 18.89 9.70
CA HIS E 157 34.34 19.37 8.81
C HIS E 157 34.16 20.84 8.49
N ARG E 158 32.98 21.23 8.00
CA ARG E 158 32.71 22.63 7.75
C ARG E 158 32.85 23.48 9.01
N LEU E 159 32.48 22.91 10.16
CA LEU E 159 32.60 23.63 11.42
C LEU E 159 34.06 23.93 11.74
N ARG E 160 34.93 22.94 11.64
CA ARG E 160 36.34 23.17 11.91
C ARG E 160 36.97 24.09 10.87
N GLU E 161 36.52 24.01 9.61
CA GLU E 161 37.12 24.86 8.58
C GLU E 161 36.64 26.30 8.70
N HIS E 162 35.45 26.50 9.27
CA HIS E 162 35.05 27.85 9.64
C HIS E 162 35.73 28.31 10.92
N LEU E 163 36.12 27.37 11.78
CA LEU E 163 36.85 27.71 12.99
C LEU E 163 38.16 28.42 12.67
N GLU E 164 38.88 27.95 11.64
CA GLU E 164 40.05 28.68 11.14
C GLU E 164 39.93 28.83 9.62
N ARG E 165 39.06 29.74 9.18
CA ARG E 165 39.21 30.41 7.90
C ARG E 165 38.85 31.89 7.95
N GLY E 166 37.93 32.30 8.81
CA GLY E 166 37.51 33.68 8.92
C GLY E 166 37.24 34.03 10.37
N ARG E 167 37.99 33.39 11.29
CA ARG E 167 37.74 33.59 12.72
C ARG E 167 37.83 35.05 13.12
N GLY E 168 38.48 35.88 12.28
CA GLY E 168 38.44 37.32 12.46
C GLY E 168 37.04 37.90 12.47
N ASN E 169 36.03 37.08 12.23
CA ASN E 169 34.63 37.46 12.33
C ASN E 169 33.94 36.87 13.56
N LEU E 170 34.70 36.54 14.60
CA LEU E 170 34.14 36.00 15.83
C LEU E 170 34.43 36.85 17.05
N GLU E 171 35.14 37.98 16.87
CA GLU E 171 35.54 38.83 17.99
C GLU E 171 34.60 40.02 18.13
N TRP E 172 33.35 39.84 17.71
CA TRP E 172 32.36 40.89 17.84
C TRP E 172 32.02 41.11 19.30
N LYS E 173 32.53 42.20 19.87
CA LYS E 173 32.21 42.57 21.25
C LYS E 173 32.33 44.09 21.37
N GLU E 174 31.20 44.74 21.63
CA GLU E 174 31.15 46.20 21.64
C GLU E 174 30.28 46.68 22.80
N PRO E 175 30.77 47.62 23.59
CA PRO E 175 30.00 48.14 24.72
C PRO E 175 28.69 48.76 24.25
N PRO E 176 27.65 48.68 25.07
CA PRO E 176 26.34 49.17 24.64
C PRO E 176 26.20 50.68 24.77
N SER E 177 25.03 51.16 24.36
CA SER E 177 24.62 52.56 24.51
C SER E 177 23.40 52.59 25.42
N MET E 178 23.54 53.21 26.58
CA MET E 178 22.58 53.04 27.66
C MET E 178 21.69 54.27 27.81
N ARG E 179 20.40 54.02 28.09
CA ARG E 179 19.38 55.06 28.26
C ARG E 179 18.60 54.78 29.54
N LEU E 180 19.11 55.28 30.66
CA LEU E 180 18.39 55.20 31.93
C LEU E 180 17.52 56.43 32.08
N LYS E 181 16.22 56.28 31.85
CA LYS E 181 15.29 57.39 31.96
C LYS E 181 14.13 57.09 32.90
N ALA E 182 13.25 58.08 33.06
CA ALA E 182 12.14 58.00 34.00
C ALA E 182 10.83 58.15 33.23
N ARG E 183 9.78 57.58 33.81
CA ARG E 183 8.44 57.47 33.28
C ARG E 183 7.43 57.95 34.31
N PRO E 184 6.63 58.96 33.98
CA PRO E 184 5.52 59.32 34.86
C PRO E 184 4.45 58.23 34.83
N SER E 185 3.83 58.03 35.99
CA SER E 185 2.88 56.94 36.17
C SER E 185 1.71 57.44 37.01
N SER E 186 0.91 56.51 37.51
CA SER E 186 -0.21 56.80 38.40
C SER E 186 0.31 57.57 39.61
N PRO E 187 -0.49 58.47 40.18
CA PRO E 187 0.00 59.31 41.28
C PRO E 187 0.52 58.48 42.44
N GLY E 188 1.82 58.58 42.69
CA GLY E 188 2.47 57.90 43.80
C GLY E 188 3.71 57.13 43.42
N PHE E 189 3.94 56.87 42.13
CA PHE E 189 5.05 56.05 41.68
C PHE E 189 5.73 56.69 40.48
N SER E 190 6.77 56.00 39.99
CA SER E 190 7.49 56.40 38.80
C SER E 190 8.25 55.19 38.28
N VAL E 191 8.42 55.10 36.97
CA VAL E 191 8.98 53.91 36.34
C VAL E 191 10.35 54.22 35.78
N LEU E 192 11.37 53.53 36.30
CA LEU E 192 12.70 53.62 35.72
C LEU E 192 12.80 52.68 34.51
N THR E 193 13.61 53.08 33.54
CA THR E 193 13.83 52.26 32.35
C THR E 193 15.29 52.33 31.97
N CYS E 194 15.92 51.17 31.74
CA CYS E 194 17.34 51.08 31.43
C CYS E 194 17.51 50.35 30.11
N SER E 195 18.17 50.99 29.15
CA SER E 195 18.39 50.43 27.83
C SER E 195 19.86 50.11 27.59
N ALA E 196 20.13 49.46 26.47
CA ALA E 196 21.49 49.13 26.03
C ALA E 196 21.45 48.81 24.55
N PHE E 197 22.23 49.55 23.76
CA PHE E 197 22.16 49.51 22.30
C PHE E 197 23.42 48.89 21.73
N SER E 198 23.25 48.02 20.72
CA SER E 198 24.31 47.67 19.78
C SER E 198 25.50 47.00 20.51
N PHE E 199 25.16 46.04 21.36
CA PHE E 199 26.15 45.21 22.01
C PHE E 199 26.17 43.85 21.32
N TYR E 200 27.36 43.43 20.89
CA TYR E 200 27.50 42.29 20.00
C TYR E 200 27.23 40.95 20.68
N PRO E 201 27.91 40.61 21.78
CA PRO E 201 27.61 39.32 22.42
C PRO E 201 26.29 39.40 23.17
N PRO E 202 25.57 38.27 23.26
CA PRO E 202 24.22 38.32 23.85
C PRO E 202 24.21 38.55 25.35
N GLU E 203 25.19 38.03 26.09
CA GLU E 203 25.11 38.00 27.54
C GLU E 203 25.15 39.43 28.11
N LEU E 204 24.20 39.73 28.98
CA LEU E 204 24.11 41.04 29.60
C LEU E 204 23.23 40.94 30.84
N GLN E 205 23.66 41.57 31.92
CA GLN E 205 23.00 41.45 33.22
C GLN E 205 22.48 42.83 33.65
N LEU E 206 21.20 42.90 33.96
CA LEU E 206 20.58 44.14 34.39
C LEU E 206 20.05 43.99 35.82
N ARG E 207 20.41 44.96 36.66
CA ARG E 207 19.93 44.99 38.04
C ARG E 207 19.92 46.44 38.51
N PHE E 208 18.93 46.77 39.33
CA PHE E 208 18.68 48.14 39.76
C PHE E 208 19.19 48.33 41.18
N LEU E 209 19.73 49.51 41.44
CA LEU E 209 20.27 49.90 42.74
C LEU E 209 19.57 51.16 43.21
N ARG E 210 19.01 51.12 44.42
CA ARG E 210 18.29 52.27 44.94
C ARG E 210 19.25 53.42 45.28
N ASN E 211 20.09 53.21 46.29
CA ASN E 211 21.26 54.06 46.50
C ASN E 211 22.55 53.25 46.50
N GLY E 212 22.59 52.17 47.29
CA GLY E 212 23.66 51.20 47.27
C GLY E 212 23.08 49.83 47.50
N LEU E 213 21.75 49.75 47.41
CA LEU E 213 20.99 48.55 47.74
C LEU E 213 20.45 47.92 46.47
N ALA E 214 20.68 46.63 46.30
CA ALA E 214 20.10 45.90 45.17
C ALA E 214 18.57 45.96 45.27
N ALA E 215 17.94 46.19 44.12
CA ALA E 215 16.49 46.37 44.07
C ALA E 215 15.80 45.33 43.20
N GLY E 216 16.55 44.39 42.64
CA GLY E 216 15.99 43.39 41.76
C GLY E 216 16.51 43.49 40.35
N THR E 217 15.81 42.82 39.44
CA THR E 217 16.20 42.75 38.04
C THR E 217 15.28 43.51 37.10
N GLY E 218 14.03 43.73 37.47
CA GLY E 218 13.09 44.37 36.56
C GLY E 218 12.62 43.39 35.52
N GLN E 219 12.13 43.92 34.38
CA GLN E 219 11.64 43.11 33.28
C GLN E 219 12.53 43.36 32.07
N GLY E 220 13.62 42.61 31.97
CA GLY E 220 14.57 42.82 30.89
C GLY E 220 14.14 42.22 29.57
N ASP E 221 13.88 43.07 28.58
CA ASP E 221 13.52 42.63 27.24
C ASP E 221 14.76 42.67 26.35
N PHE E 222 14.82 41.73 25.41
CA PHE E 222 16.01 41.48 24.60
C PHE E 222 15.58 41.29 23.15
N GLY E 223 16.20 42.04 22.25
CA GLY E 223 15.83 41.98 20.85
C GLY E 223 16.97 42.33 19.92
N PRO E 224 17.22 41.47 18.93
CA PRO E 224 18.30 41.73 17.99
C PRO E 224 17.91 42.79 16.97
N ASN E 225 18.94 43.45 16.42
CA ASN E 225 18.79 44.46 15.40
C ASN E 225 19.10 43.87 14.03
N SER E 226 19.10 44.72 13.02
CA SER E 226 19.43 44.32 11.66
C SER E 226 20.93 44.26 11.41
N ASP E 227 21.73 44.20 12.48
CA ASP E 227 23.18 44.26 12.36
C ASP E 227 23.90 43.11 13.03
N GLY E 228 23.20 42.21 13.72
CA GLY E 228 23.84 41.16 14.51
C GLY E 228 23.98 41.51 15.97
N SER E 229 24.12 42.80 16.30
CA SER E 229 24.13 43.23 17.68
C SER E 229 22.74 43.14 18.28
N PHE E 230 22.62 43.52 19.54
CA PHE E 230 21.39 43.34 20.29
C PHE E 230 21.01 44.62 21.02
N HIS E 231 19.76 44.66 21.48
CA HIS E 231 19.24 45.75 22.28
C HIS E 231 18.54 45.17 23.51
N ALA E 232 18.86 45.70 24.68
CA ALA E 232 18.19 45.34 25.91
C ALA E 232 17.45 46.54 26.46
N SER E 233 16.35 46.27 27.15
CA SER E 233 15.57 47.34 27.77
C SER E 233 14.73 46.76 28.88
N SER E 234 15.02 47.16 30.12
CA SER E 234 14.28 46.74 31.30
C SER E 234 13.55 47.93 31.91
N SER E 235 12.50 47.62 32.67
CA SER E 235 11.72 48.63 33.36
C SER E 235 11.46 48.17 34.79
N LEU E 236 11.18 49.13 35.67
CA LEU E 236 10.83 48.81 37.05
C LEU E 236 10.05 49.97 37.66
N THR E 237 8.91 49.65 38.27
CA THR E 237 8.11 50.66 38.97
C THR E 237 8.60 50.82 40.41
N VAL E 238 8.96 52.04 40.78
CA VAL E 238 9.46 52.37 42.10
C VAL E 238 8.73 53.61 42.60
N LYS E 239 9.18 54.11 43.75
CA LYS E 239 8.55 55.23 44.43
C LYS E 239 8.48 56.46 43.54
N SER E 240 7.69 57.44 43.97
CA SER E 240 7.61 58.71 43.26
C SER E 240 8.76 59.65 43.62
N GLY E 241 9.24 59.59 44.87
CA GLY E 241 10.40 60.34 45.28
C GLY E 241 11.67 59.50 45.25
N ASP E 242 12.77 60.15 45.63
CA ASP E 242 14.09 59.52 45.69
C ASP E 242 14.50 58.90 44.35
N GLU E 243 14.05 59.47 43.23
CA GLU E 243 14.34 58.89 41.94
C GLU E 243 15.73 59.25 41.44
N HIS E 244 16.34 60.31 41.96
CA HIS E 244 17.67 60.73 41.54
C HIS E 244 18.78 60.02 42.31
N HIS E 245 18.44 58.94 43.02
CA HIS E 245 19.42 58.08 43.64
C HIS E 245 19.60 56.78 42.87
N TYR E 246 18.53 56.31 42.21
CA TYR E 246 18.59 55.05 41.48
C TYR E 246 19.68 55.08 40.42
N CYS E 247 20.60 54.12 40.50
CA CYS E 247 21.72 54.04 39.57
C CYS E 247 22.00 52.55 39.33
N CYS E 248 21.43 52.00 38.26
CA CYS E 248 21.47 50.56 38.03
C CYS E 248 22.85 50.13 37.53
N ILE E 249 23.22 48.88 37.84
CA ILE E 249 24.52 48.32 37.46
C ILE E 249 24.34 47.45 36.23
N VAL E 250 25.22 47.65 35.23
CA VAL E 250 25.25 46.83 34.04
C VAL E 250 26.71 46.50 33.69
N GLN E 251 27.00 45.21 33.56
CA GLN E 251 28.30 44.75 33.08
C GLN E 251 28.10 43.96 31.80
N HIS E 252 29.07 44.08 30.90
CA HIS E 252 28.98 43.48 29.58
C HIS E 252 30.37 43.07 29.12
N ALA E 253 30.43 42.15 28.16
CA ALA E 253 31.71 41.73 27.61
C ALA E 253 32.46 42.90 26.98
N GLY E 254 31.73 43.91 26.49
CA GLY E 254 32.35 45.12 26.00
C GLY E 254 32.61 46.15 27.07
N LEU E 255 31.98 46.01 28.23
CA LEU E 255 32.18 46.95 29.33
C LEU E 255 33.29 46.47 30.24
N ALA E 256 34.39 47.23 30.29
CA ALA E 256 35.49 46.94 31.20
C ALA E 256 35.29 47.58 32.57
N GLN E 257 34.07 47.97 32.90
CA GLN E 257 33.74 48.66 34.14
C GLN E 257 32.28 48.37 34.46
N PRO E 258 31.93 48.14 35.73
CA PRO E 258 30.52 47.89 36.06
C PRO E 258 29.68 49.15 35.87
N LEU E 259 29.37 49.46 34.62
CA LEU E 259 28.83 50.76 34.25
C LEU E 259 27.50 51.00 34.95
N ARG E 260 27.52 51.86 35.95
CA ARG E 260 26.27 52.39 36.51
C ARG E 260 26.06 53.82 36.02
N VAL E 261 24.92 54.06 35.39
CA VAL E 261 24.67 55.26 34.62
C VAL E 261 23.88 56.25 35.48
N GLU E 262 24.17 57.54 35.30
CA GLU E 262 23.47 58.60 35.99
C GLU E 262 22.36 59.13 35.09
N LEU E 263 21.31 59.65 35.71
CA LEU E 263 20.15 60.13 34.98
C LEU E 263 20.50 61.34 34.10
N ILE F 1 -3.96 23.97 19.30
CA ILE F 1 -2.55 24.05 18.94
C ILE F 1 -2.29 25.37 18.24
N GLN F 2 -2.00 26.41 19.02
CA GLN F 2 -1.69 27.73 18.49
C GLN F 2 -1.13 28.59 19.60
N ARG F 3 -0.40 29.64 19.24
CA ARG F 3 0.21 30.55 20.21
C ARG F 3 -0.04 31.99 19.76
N THR F 4 -0.30 32.86 20.73
CA THR F 4 -0.56 34.25 20.35
C THR F 4 0.73 35.07 20.42
N PRO F 5 0.97 35.94 19.43
CA PRO F 5 2.25 36.64 19.33
C PRO F 5 2.39 37.72 20.39
N LYS F 6 3.61 38.21 20.53
CA LYS F 6 3.96 39.29 21.45
C LYS F 6 4.92 40.23 20.74
N ILE F 7 4.78 41.53 20.99
CA ILE F 7 5.42 42.57 20.20
C ILE F 7 6.25 43.45 21.12
N GLN F 8 7.40 43.93 20.63
CA GLN F 8 8.17 44.95 21.32
C GLN F 8 8.85 45.86 20.30
N VAL F 9 8.84 47.16 20.58
CA VAL F 9 9.37 48.19 19.70
C VAL F 9 10.64 48.74 20.34
N TYR F 10 11.63 49.08 19.51
CA TYR F 10 12.84 49.74 19.99
C TYR F 10 13.54 50.37 18.79
N SER F 11 14.80 50.79 18.99
CA SER F 11 15.58 51.40 17.93
C SER F 11 17.07 51.18 18.21
N ARG F 12 17.84 50.96 17.13
CA ARG F 12 19.24 50.60 17.27
C ARG F 12 20.06 51.78 17.78
N HIS F 13 19.98 52.92 17.11
CA HIS F 13 20.69 54.11 17.53
C HIS F 13 19.95 54.79 18.66
N PRO F 14 20.66 55.49 19.54
CA PRO F 14 19.99 56.27 20.59
C PRO F 14 19.05 57.30 19.99
N ALA F 15 17.90 57.45 20.64
CA ALA F 15 16.82 58.31 20.15
C ALA F 15 17.20 59.78 20.40
N GLU F 16 17.96 60.34 19.46
CA GLU F 16 18.30 61.75 19.46
C GLU F 16 17.57 62.42 18.31
N ASN F 17 16.80 63.47 18.63
CA ASN F 17 16.09 64.22 17.59
C ASN F 17 17.10 64.79 16.59
N GLY F 18 16.74 64.75 15.31
CA GLY F 18 17.65 65.10 14.23
C GLY F 18 18.56 63.97 13.83
N LYS F 19 19.09 63.22 14.80
CA LYS F 19 19.86 62.02 14.51
C LYS F 19 18.92 60.92 14.05
N SER F 20 19.01 60.58 12.76
CA SER F 20 18.18 59.52 12.23
C SER F 20 18.54 58.19 12.87
N ASN F 21 17.70 57.18 12.62
CA ASN F 21 17.80 55.95 13.38
C ASN F 21 17.07 54.83 12.65
N PHE F 22 17.34 53.61 13.07
CA PHE F 22 16.67 52.42 12.57
C PHE F 22 15.71 51.91 13.64
N LEU F 23 14.42 52.00 13.36
CA LEU F 23 13.40 51.51 14.27
C LEU F 23 13.17 50.02 14.03
N ASN F 24 12.83 49.31 15.11
CA ASN F 24 12.75 47.86 15.12
C ASN F 24 11.44 47.45 15.77
N CYS F 25 10.65 46.65 15.06
CA CYS F 25 9.43 46.03 15.57
C CYS F 25 9.68 44.53 15.60
N TYR F 26 9.82 43.97 16.80
CA TYR F 26 10.23 42.58 17.01
C TYR F 26 9.02 41.80 17.50
N VAL F 27 8.60 40.80 16.73
CA VAL F 27 7.46 39.96 17.06
C VAL F 27 7.99 38.56 17.37
N SER F 28 7.37 37.90 18.34
CA SER F 28 7.81 36.57 18.72
C SER F 28 6.67 35.79 19.35
N GLY F 29 6.76 34.47 19.29
CA GLY F 29 5.84 33.61 20.01
C GLY F 29 4.50 33.34 19.37
N PHE F 30 4.49 32.70 18.21
CA PHE F 30 3.26 32.33 17.52
C PHE F 30 3.56 31.21 16.56
N HIS F 31 2.69 30.20 16.51
CA HIS F 31 2.91 29.03 15.67
C HIS F 31 1.80 28.81 14.63
N PRO F 32 1.43 29.84 13.89
CA PRO F 32 1.11 29.62 12.48
C PRO F 32 2.36 29.92 11.66
N SER F 33 2.31 29.71 10.35
CA SER F 33 3.49 30.01 9.55
C SER F 33 3.50 31.47 9.08
N ASP F 34 2.35 32.15 9.11
CA ASP F 34 2.23 33.46 8.50
C ASP F 34 1.72 34.51 9.48
N ILE F 35 1.92 35.77 9.13
CA ILE F 35 1.58 36.90 9.97
C ILE F 35 1.56 38.14 9.09
N GLU F 36 0.87 39.19 9.54
CA GLU F 36 0.90 40.48 8.85
C GLU F 36 1.47 41.50 9.82
N VAL F 37 2.45 42.27 9.36
CA VAL F 37 3.15 43.24 10.20
C VAL F 37 3.36 44.51 9.39
N ASP F 38 2.92 45.64 9.93
CA ASP F 38 3.12 46.94 9.31
C ASP F 38 3.61 47.94 10.34
N LEU F 39 4.36 48.94 9.88
CA LEU F 39 4.76 50.06 10.71
C LEU F 39 4.24 51.35 10.10
N LEU F 40 3.69 52.21 10.95
CA LEU F 40 2.98 53.41 10.51
C LEU F 40 3.54 54.65 11.19
N LYS F 41 3.46 55.78 10.50
CA LYS F 41 3.89 57.07 11.02
C LYS F 41 2.64 57.88 11.35
N ASN F 42 2.18 57.76 12.60
CA ASN F 42 0.93 58.38 13.04
C ASN F 42 -0.20 58.08 12.07
N GLY F 43 -0.23 56.83 11.59
CA GLY F 43 -1.14 56.43 10.54
C GLY F 43 -0.53 56.34 9.16
N GLU F 44 0.63 56.93 8.94
CA GLU F 44 1.32 56.86 7.66
C GLU F 44 2.06 55.53 7.56
N ARG F 45 1.41 54.55 6.93
CA ARG F 45 1.99 53.21 6.84
C ARG F 45 3.25 53.26 5.98
N ILE F 46 4.38 52.89 6.59
CA ILE F 46 5.69 53.10 6.01
C ILE F 46 5.80 52.35 4.68
N GLU F 47 6.23 53.07 3.64
CA GLU F 47 6.43 52.47 2.33
C GLU F 47 7.80 51.81 2.23
N LYS F 48 8.84 52.54 2.65
CA LYS F 48 10.21 52.04 2.66
C LYS F 48 10.41 51.16 3.87
N VAL F 49 10.19 49.85 3.71
CA VAL F 49 10.34 48.89 4.80
C VAL F 49 10.91 47.60 4.23
N GLU F 50 11.89 47.03 4.92
CA GLU F 50 12.42 45.71 4.61
C GLU F 50 12.39 44.85 5.86
N HIS F 51 12.32 43.54 5.64
CA HIS F 51 12.10 42.58 6.71
C HIS F 51 13.30 41.66 6.84
N SER F 52 13.17 40.65 7.69
CA SER F 52 14.14 39.58 7.83
C SER F 52 13.46 38.25 7.57
N ASP F 53 14.25 37.27 7.15
CA ASP F 53 13.74 35.93 6.92
C ASP F 53 13.33 35.28 8.24
N LEU F 54 12.08 34.86 8.31
CA LEU F 54 11.48 34.39 9.55
C LEU F 54 12.12 33.08 9.96
N SER F 55 12.68 33.06 11.17
CA SER F 55 13.23 31.85 11.77
C SER F 55 12.43 31.51 13.01
N PHE F 56 12.83 30.43 13.69
CA PHE F 56 12.14 29.96 14.88
C PHE F 56 13.15 29.57 15.95
N SER F 57 12.67 29.50 17.19
CA SER F 57 13.51 29.29 18.36
C SER F 57 13.43 27.84 18.82
N LYS F 58 14.04 27.54 19.97
CA LYS F 58 14.15 26.17 20.46
C LYS F 58 12.80 25.56 20.80
N ASP F 59 11.86 26.36 21.28
CA ASP F 59 10.50 25.91 21.53
C ASP F 59 9.64 25.97 20.29
N TRP F 60 10.26 25.99 19.10
CA TRP F 60 9.58 26.06 17.81
C TRP F 60 8.74 27.32 17.68
N SER F 61 9.06 28.34 18.46
CA SER F 61 8.38 29.63 18.40
C SER F 61 8.92 30.47 17.26
N PHE F 62 8.01 30.99 16.44
CA PHE F 62 8.38 31.86 15.35
C PHE F 62 8.70 33.26 15.86
N TYR F 63 9.79 33.82 15.34
CA TYR F 63 10.19 35.18 15.66
C TYR F 63 10.58 35.88 14.37
N LEU F 64 10.36 37.20 14.34
CA LEU F 64 10.82 38.00 13.21
C LEU F 64 10.93 39.45 13.64
N LEU F 65 11.49 40.27 12.74
CA LEU F 65 11.77 41.67 13.02
C LEU F 65 11.57 42.48 11.75
N TYR F 66 10.81 43.56 11.86
CA TYR F 66 10.72 44.57 10.82
C TYR F 66 11.56 45.78 11.22
N TYR F 67 12.53 46.12 10.39
CA TYR F 67 13.44 47.23 10.68
C TYR F 67 13.36 48.25 9.56
N THR F 68 13.32 49.52 9.94
CA THR F 68 13.15 50.59 8.96
C THR F 68 13.97 51.80 9.37
N GLU F 69 14.05 52.76 8.46
CA GLU F 69 14.76 54.01 8.69
C GLU F 69 13.76 55.11 9.02
N PHE F 70 14.09 55.92 10.03
CA PHE F 70 13.22 57.00 10.46
C PHE F 70 14.05 58.09 11.11
N THR F 71 13.36 59.15 11.55
CA THR F 71 13.97 60.25 12.26
C THR F 71 13.16 60.50 13.52
N PRO F 72 13.73 60.34 14.72
CA PRO F 72 12.97 60.66 15.94
C PRO F 72 12.65 62.15 16.00
N THR F 73 11.37 62.44 16.22
CA THR F 73 10.87 63.81 16.17
C THR F 73 9.87 64.02 17.29
N GLU F 74 10.02 65.14 18.01
CA GLU F 74 9.09 65.46 19.09
C GLU F 74 7.67 65.68 18.55
N LYS F 75 7.55 65.99 17.26
CA LYS F 75 6.24 66.13 16.64
C LYS F 75 5.67 64.78 16.22
N ASP F 76 6.36 64.08 15.31
CA ASP F 76 5.86 62.83 14.76
C ASP F 76 6.69 61.65 15.25
N GLU F 77 6.01 60.63 15.74
CA GLU F 77 6.60 59.33 16.02
C GLU F 77 5.75 58.23 15.40
N TYR F 78 6.03 56.99 15.77
CA TYR F 78 5.65 55.84 14.95
C TYR F 78 4.92 54.81 15.78
N ALA F 79 4.20 53.92 15.10
CA ALA F 79 3.55 52.77 15.71
C ALA F 79 3.74 51.54 14.81
N CYS F 80 3.23 50.40 15.29
CA CYS F 80 3.40 49.11 14.63
C CYS F 80 2.12 48.33 14.82
N ARG F 81 1.50 47.92 13.72
CA ARG F 81 0.30 47.11 13.73
C ARG F 81 0.63 45.68 13.34
N VAL F 82 -0.02 44.73 14.00
CA VAL F 82 0.20 43.30 13.76
C VAL F 82 -1.15 42.62 13.65
N ASN F 83 -1.35 41.89 12.55
CA ASN F 83 -2.55 41.10 12.32
C ASN F 83 -2.19 39.62 12.25
N HIS F 84 -3.05 38.80 12.85
CA HIS F 84 -2.71 37.40 13.09
C HIS F 84 -3.96 36.55 12.88
N VAL F 85 -3.81 35.25 13.11
CA VAL F 85 -4.93 34.33 13.00
C VAL F 85 -5.60 34.17 14.37
N THR F 86 -4.85 34.35 15.45
CA THR F 86 -5.41 34.11 16.77
C THR F 86 -6.15 35.32 17.32
N LEU F 87 -5.79 36.53 16.86
CA LEU F 87 -6.32 37.75 17.46
C LEU F 87 -7.39 38.33 16.53
N SER F 88 -8.58 38.57 17.10
CA SER F 88 -9.68 39.14 16.32
C SER F 88 -9.41 40.59 15.93
N GLN F 89 -8.54 41.26 16.66
CA GLN F 89 -8.23 42.67 16.44
C GLN F 89 -6.77 42.86 16.09
N PRO F 90 -6.49 43.62 15.03
CA PRO F 90 -5.09 43.95 14.70
C PRO F 90 -4.53 44.90 15.75
N LYS F 91 -3.49 44.45 16.45
CA LYS F 91 -2.98 45.20 17.60
C LYS F 91 -2.01 46.28 17.15
N ILE F 92 -2.11 47.44 17.78
CA ILE F 92 -1.24 48.57 17.50
C ILE F 92 -0.46 48.92 18.75
N VAL F 93 0.86 48.90 18.64
CA VAL F 93 1.77 49.32 19.71
C VAL F 93 2.56 50.51 19.20
N LYS F 94 2.56 51.59 19.97
CA LYS F 94 3.18 52.83 19.51
C LYS F 94 4.58 52.99 20.10
N TRP F 95 5.43 53.70 19.37
CA TRP F 95 6.87 53.72 19.65
C TRP F 95 7.14 54.35 21.01
N ASP F 96 7.56 53.52 21.96
CA ASP F 96 8.06 54.02 23.23
C ASP F 96 9.39 54.74 23.00
N ARG F 97 9.53 55.92 23.61
CA ARG F 97 10.77 56.68 23.50
C ARG F 97 11.80 56.26 24.53
N ASP F 98 11.49 55.29 25.39
CA ASP F 98 12.40 54.89 26.44
C ASP F 98 12.72 53.39 26.44
N MET F 99 11.96 52.59 25.71
CA MET F 99 12.22 51.15 25.64
C MET F 99 12.29 50.66 24.19
#